data_4OWO
#
_entry.id   4OWO
#
_cell.length_a   79.409
_cell.length_b   92.099
_cell.length_c   121.294
_cell.angle_alpha   90.000
_cell.angle_beta   90.000
_cell.angle_gamma   90.000
#
_symmetry.space_group_name_H-M   'P 21 21 21'
#
loop_
_entity.id
_entity.type
_entity.pdbx_description
1 polymer 'Anthranilate phosphoribosyltransferase'
2 non-polymer 'MAGNESIUM ION'
3 non-polymer 1-O-pyrophosphono-5-O-phosphono-alpha-D-ribofuranose
4 non-polymer '2-azanyl-6-fluoranyl-benzoic acid'
5 non-polymer GLYCEROL
6 non-polymer IMIDAZOLE
7 water water
#
_entity_poly.entity_id   1
_entity_poly.type   'polypeptide(L)'
_entity_poly.pdbx_seq_one_letter_code
;MALSAEGSSGGSRGGSPKAEAASVPSWPQILGRLTDNRDLARGQAAWAMDQIMTGNARPAQIAAFAVAMTMKAPTADEVG
ELAGVMLSHAHPLPADTVPDDAVDVVGTGGDGVNTVNLSTMAAIVVAAAGVPVVKHGNRAASSLSGGADTLEALGVRIDL
GPDLVARSLAEVGIGFCFAPRFHPSYRHAAAVRREIGVPTVFNLLGPLTNPARPRAGLIGCAFADLAEVMAGVFAARRSS
VLVVHGDDGLDELTTTTTSTIWRVAAGSVDKLTFDPAGFGFARAQLDQLAGGDAQANAAAVRAVLGGARGPVRDAVVLNA
AGAIVAHAGLSSRAEWLPAWEEGLRRASAAIDTGAAEQLLARWVRFGRQILEHHHHHH
;
_entity_poly.pdbx_strand_id   A,B
#
loop_
_chem_comp.id
_chem_comp.type
_chem_comp.name
_chem_comp.formula
6F0 non-polymer '2-azanyl-6-fluoranyl-benzoic acid' 'C7 H6 F N O2'
GOL non-polymer GLYCEROL 'C3 H8 O3'
IMD non-polymer IMIDAZOLE 'C3 H5 N2 1'
MG non-polymer 'MAGNESIUM ION' 'Mg 2'
PRP D-saccharide 1-O-pyrophosphono-5-O-phosphono-alpha-D-ribofuranose 'C5 H13 O14 P3'
#
# COMPACT_ATOMS: atom_id res chain seq x y z
N SER A 23 -2.10 -22.24 -5.54
CA SER A 23 -1.84 -22.80 -4.18
C SER A 23 -2.98 -22.43 -3.20
N VAL A 24 -2.71 -22.59 -1.91
CA VAL A 24 -3.57 -22.02 -0.89
C VAL A 24 -3.38 -20.52 -0.93
N PRO A 25 -4.48 -19.75 -0.88
CA PRO A 25 -4.34 -18.28 -0.85
C PRO A 25 -3.80 -17.75 0.50
N SER A 26 -3.04 -16.66 0.44
CA SER A 26 -2.56 -16.01 1.65
C SER A 26 -2.25 -14.56 1.35
N TRP A 27 -2.13 -13.77 2.42
CA TRP A 27 -1.80 -12.36 2.26
C TRP A 27 -0.44 -12.14 1.61
N PRO A 28 0.59 -12.90 2.03
CA PRO A 28 1.90 -12.70 1.39
C PRO A 28 1.89 -13.01 -0.11
N GLN A 29 1.16 -14.04 -0.48
CA GLN A 29 1.04 -14.42 -1.87
C GLN A 29 0.29 -13.35 -2.67
N ILE A 30 -0.85 -12.92 -2.17
CA ILE A 30 -1.67 -11.96 -2.89
C ILE A 30 -1.02 -10.56 -2.90
N LEU A 31 -0.53 -10.12 -1.76
CA LEU A 31 0.15 -8.81 -1.69
C LEU A 31 1.43 -8.79 -2.52
N GLY A 32 2.19 -9.89 -2.48
CA GLY A 32 3.39 -10.04 -3.32
C GLY A 32 3.10 -9.93 -4.81
N ARG A 33 2.01 -10.55 -5.23
CA ARG A 33 1.60 -10.49 -6.63
C ARG A 33 1.26 -9.05 -7.03
N LEU A 34 0.48 -8.34 -6.21
CA LEU A 34 0.13 -6.93 -6.49
C LEU A 34 1.35 -6.00 -6.50
N THR A 35 2.27 -6.18 -5.55
CA THR A 35 3.47 -5.33 -5.48
C THR A 35 4.40 -5.64 -6.63
N ASP A 36 4.35 -6.86 -7.16
CA ASP A 36 5.03 -7.20 -8.42
C ASP A 36 4.30 -6.65 -9.66
N ASN A 37 3.25 -5.85 -9.47
CA ASN A 37 2.48 -5.26 -10.56
C ASN A 37 1.80 -6.29 -11.48
N ARG A 38 1.31 -7.38 -10.89
CA ARG A 38 0.63 -8.45 -11.63
C ARG A 38 -0.82 -8.49 -11.25
N ASP A 39 -1.67 -8.74 -12.24
CA ASP A 39 -3.07 -9.03 -11.97
C ASP A 39 -3.18 -10.29 -11.14
N LEU A 40 -4.21 -10.36 -10.31
CA LEU A 40 -4.42 -11.51 -9.46
C LEU A 40 -4.96 -12.69 -10.26
N ALA A 41 -4.79 -13.91 -9.74
CA ALA A 41 -5.47 -15.06 -10.32
C ALA A 41 -6.95 -14.96 -9.96
N ARG A 42 -7.79 -15.52 -10.82
CA ARG A 42 -9.22 -15.60 -10.53
C ARG A 42 -9.44 -16.17 -9.13
N GLY A 43 -10.37 -15.59 -8.37
CA GLY A 43 -10.64 -16.01 -7.00
C GLY A 43 -9.82 -15.38 -5.88
N GLN A 44 -8.64 -14.84 -6.18
CA GLN A 44 -7.80 -14.25 -5.15
C GLN A 44 -8.40 -12.95 -4.53
N ALA A 45 -8.94 -12.08 -5.36
CA ALA A 45 -9.59 -10.89 -4.84
C ALA A 45 -10.81 -11.25 -3.98
N ALA A 46 -11.57 -12.24 -4.40
CA ALA A 46 -12.71 -12.70 -3.61
C ALA A 46 -12.27 -13.24 -2.26
N TRP A 47 -11.17 -14.00 -2.24
CA TRP A 47 -10.65 -14.54 -0.98
C TRP A 47 -10.30 -13.40 -0.03
N ALA A 48 -9.57 -12.43 -0.54
CA ALA A 48 -9.18 -11.27 0.25
C ALA A 48 -10.39 -10.55 0.76
N MET A 49 -11.36 -10.32 -0.10
CA MET A 49 -12.53 -9.57 0.31
C MET A 49 -13.33 -10.35 1.35
N ASP A 50 -13.40 -11.66 1.20
CA ASP A 50 -14.13 -12.43 2.20
C ASP A 50 -13.43 -12.39 3.58
N GLN A 51 -12.10 -12.46 3.59
CA GLN A 51 -11.35 -12.30 4.85
C GLN A 51 -11.69 -10.95 5.52
N ILE A 52 -11.73 -9.90 4.71
CA ILE A 52 -12.05 -8.56 5.18
C ILE A 52 -13.48 -8.49 5.72
N MET A 53 -14.43 -9.08 5.00
CA MET A 53 -15.85 -9.00 5.36
C MET A 53 -16.20 -9.85 6.57
N THR A 54 -15.41 -10.89 6.86
CA THR A 54 -15.70 -11.76 8.01
C THR A 54 -14.94 -11.33 9.27
N GLY A 55 -14.23 -10.21 9.22
CA GLY A 55 -13.41 -9.76 10.35
C GLY A 55 -12.14 -10.54 10.55
N ASN A 56 -11.71 -11.31 9.56
CA ASN A 56 -10.50 -12.11 9.70
C ASN A 56 -9.20 -11.44 9.27
N ALA A 57 -9.31 -10.31 8.60
CA ALA A 57 -8.12 -9.58 8.16
C ALA A 57 -7.69 -8.56 9.19
N ARG A 58 -6.39 -8.48 9.44
CA ARG A 58 -5.84 -7.40 10.27
C ARG A 58 -5.93 -6.07 9.52
N PRO A 59 -6.15 -4.97 10.25
CA PRO A 59 -6.13 -3.63 9.63
C PRO A 59 -4.93 -3.36 8.70
N ALA A 60 -3.75 -3.81 9.08
CA ALA A 60 -2.57 -3.69 8.22
C ALA A 60 -2.74 -4.44 6.91
N GLN A 61 -3.37 -5.62 6.96
CA GLN A 61 -3.58 -6.41 5.74
C GLN A 61 -4.61 -5.74 4.83
N ILE A 62 -5.66 -5.22 5.43
CA ILE A 62 -6.69 -4.52 4.69
C ILE A 62 -6.10 -3.33 3.93
N ALA A 63 -5.33 -2.51 4.64
CA ALA A 63 -4.68 -1.33 4.08
C ALA A 63 -3.69 -1.70 2.98
N ALA A 64 -2.85 -2.70 3.21
CA ALA A 64 -1.85 -3.09 2.21
C ALA A 64 -2.52 -3.53 0.93
N PHE A 65 -3.61 -4.28 1.08
CA PHE A 65 -4.35 -4.80 -0.06
C PHE A 65 -5.00 -3.67 -0.86
N ALA A 66 -5.68 -2.77 -0.16
CA ALA A 66 -6.35 -1.63 -0.79
C ALA A 66 -5.36 -0.78 -1.56
N VAL A 67 -4.22 -0.46 -0.95
CA VAL A 67 -3.22 0.37 -1.61
C VAL A 67 -2.54 -0.35 -2.76
N ALA A 68 -2.12 -1.59 -2.53
CA ALA A 68 -1.44 -2.35 -3.58
C ALA A 68 -2.35 -2.58 -4.80
N MET A 69 -3.62 -2.89 -4.56
CA MET A 69 -4.53 -3.04 -5.66
C MET A 69 -4.69 -1.73 -6.44
N THR A 70 -4.79 -0.62 -5.72
CA THR A 70 -4.89 0.69 -6.37
C THR A 70 -3.67 1.01 -7.25
N MET A 71 -2.47 0.79 -6.72
CA MET A 71 -1.29 1.17 -7.47
C MET A 71 -0.98 0.18 -8.60
N LYS A 72 -1.40 -1.08 -8.46
CA LYS A 72 -1.29 -2.00 -9.59
C LYS A 72 -2.22 -1.53 -10.78
N ALA A 73 -3.41 -1.06 -10.45
CA ALA A 73 -4.50 -0.70 -11.37
C ALA A 73 -5.44 -1.91 -11.41
N PRO A 74 -6.56 -1.82 -10.71
CA PRO A 74 -7.46 -2.95 -10.65
C PRO A 74 -8.16 -3.25 -11.97
N THR A 75 -8.42 -4.52 -12.25
CA THR A 75 -9.20 -4.90 -13.43
C THR A 75 -10.68 -4.98 -13.08
N ALA A 76 -11.52 -4.99 -14.10
CA ALA A 76 -12.96 -5.27 -13.91
C ALA A 76 -13.24 -6.59 -13.22
N ASP A 77 -12.52 -7.65 -13.57
CA ASP A 77 -12.76 -8.96 -12.95
C ASP A 77 -12.46 -8.90 -11.44
N GLU A 78 -11.39 -8.19 -11.06
CA GLU A 78 -11.00 -8.11 -9.67
C GLU A 78 -12.03 -7.31 -8.90
N VAL A 79 -12.45 -6.19 -9.45
CA VAL A 79 -13.43 -5.34 -8.75
C VAL A 79 -14.80 -6.03 -8.65
N GLY A 80 -15.18 -6.77 -9.69
CA GLY A 80 -16.36 -7.62 -9.64
C GLY A 80 -16.33 -8.65 -8.53
N GLU A 81 -15.16 -9.21 -8.26
CA GLU A 81 -15.00 -10.14 -7.14
C GLU A 81 -15.19 -9.40 -5.79
N LEU A 82 -14.59 -8.21 -5.69
CA LEU A 82 -14.72 -7.42 -4.46
C LEU A 82 -16.19 -7.07 -4.19
N ALA A 83 -16.85 -6.52 -5.20
CA ALA A 83 -18.23 -6.10 -5.02
C ALA A 83 -19.18 -7.26 -4.82
N GLY A 84 -18.94 -8.36 -5.54
CA GLY A 84 -19.78 -9.54 -5.43
C GLY A 84 -19.70 -10.13 -4.03
N VAL A 85 -18.51 -10.23 -3.49
CA VAL A 85 -18.34 -10.73 -2.09
C VAL A 85 -19.05 -9.80 -1.12
N MET A 86 -18.84 -8.50 -1.31
CA MET A 86 -19.46 -7.53 -0.45
C MET A 86 -20.98 -7.66 -0.50
N LEU A 87 -21.56 -7.76 -1.70
CA LEU A 87 -23.00 -7.99 -1.81
C LEU A 87 -23.51 -9.24 -1.10
N SER A 88 -22.70 -10.32 -1.12
CA SER A 88 -23.13 -11.54 -0.48
C SER A 88 -23.29 -11.39 1.03
N HIS A 89 -22.63 -10.40 1.63
CA HIS A 89 -22.81 -10.15 3.08
C HIS A 89 -23.83 -9.05 3.38
N ALA A 90 -24.39 -8.39 2.37
CA ALA A 90 -25.32 -7.28 2.61
C ALA A 90 -26.69 -7.79 3.03
N HIS A 91 -27.46 -6.94 3.68
CA HIS A 91 -28.86 -7.23 3.93
C HIS A 91 -29.60 -7.00 2.61
N PRO A 92 -30.32 -8.01 2.11
CA PRO A 92 -31.09 -7.79 0.90
C PRO A 92 -32.44 -7.16 1.24
N LEU A 93 -33.12 -6.60 0.25
CA LEU A 93 -34.53 -6.26 0.39
C LEU A 93 -35.35 -7.54 0.28
N PRO A 94 -36.59 -7.54 0.79
CA PRO A 94 -37.37 -8.79 0.65
C PRO A 94 -37.68 -9.13 -0.83
N ALA A 95 -37.87 -10.42 -1.09
CA ALA A 95 -38.15 -10.93 -2.44
C ALA A 95 -39.33 -10.18 -3.05
N ASP A 96 -39.26 -9.89 -4.35
CA ASP A 96 -40.38 -9.27 -5.08
C ASP A 96 -40.81 -7.89 -4.58
N THR A 97 -39.87 -7.09 -4.06
CA THR A 97 -40.19 -5.72 -3.63
C THR A 97 -39.48 -4.64 -4.44
N VAL A 98 -38.50 -5.04 -5.25
CA VAL A 98 -37.82 -4.08 -6.12
C VAL A 98 -38.30 -4.29 -7.55
N PRO A 99 -38.87 -3.26 -8.18
CA PRO A 99 -39.29 -3.49 -9.57
C PRO A 99 -38.10 -3.79 -10.49
N ASP A 100 -38.34 -4.61 -11.51
CA ASP A 100 -37.34 -4.93 -12.53
C ASP A 100 -36.68 -3.71 -13.17
N ASP A 101 -37.35 -2.55 -13.13
CA ASP A 101 -36.86 -1.37 -13.82
C ASP A 101 -36.48 -0.23 -12.87
N ALA A 102 -36.19 -0.56 -11.63
CA ALA A 102 -35.69 0.42 -10.68
C ALA A 102 -34.31 0.94 -11.08
N VAL A 103 -34.07 2.20 -10.70
CA VAL A 103 -32.84 2.88 -11.05
C VAL A 103 -32.17 3.48 -9.80
N ASP A 104 -30.84 3.57 -9.85
CA ASP A 104 -30.03 4.20 -8.84
C ASP A 104 -29.40 5.43 -9.47
N VAL A 105 -29.07 6.42 -8.63
CA VAL A 105 -28.31 7.60 -9.05
C VAL A 105 -27.32 7.87 -7.94
N VAL A 106 -26.03 7.63 -8.20
CA VAL A 106 -25.05 7.66 -7.14
C VAL A 106 -23.66 7.65 -7.73
N GLY A 107 -22.72 8.22 -6.97
CA GLY A 107 -21.34 8.26 -7.41
C GLY A 107 -20.34 7.90 -6.33
N THR A 108 -19.09 7.81 -6.74
CA THR A 108 -18.01 7.53 -5.81
C THR A 108 -17.80 8.65 -4.80
N GLY A 109 -18.21 9.87 -5.14
CA GLY A 109 -17.75 11.05 -4.40
C GLY A 109 -16.25 11.18 -4.63
N GLY A 110 -15.60 12.02 -3.83
CA GLY A 110 -14.14 12.18 -3.90
C GLY A 110 -13.69 13.02 -5.08
N ASP A 111 -14.59 13.80 -5.67
CA ASP A 111 -14.20 14.65 -6.79
C ASP A 111 -13.53 15.95 -6.31
N GLY A 112 -13.56 16.19 -5.01
CA GLY A 112 -12.79 17.29 -4.39
C GLY A 112 -13.33 18.68 -4.70
N VAL A 113 -14.56 18.77 -5.21
CA VAL A 113 -15.14 20.04 -5.62
C VAL A 113 -16.21 20.53 -4.65
N ASN A 114 -16.79 19.66 -3.84
CA ASN A 114 -17.77 20.10 -2.86
C ASN A 114 -18.97 20.82 -3.51
N THR A 115 -19.65 20.10 -4.40
CA THR A 115 -20.85 20.64 -5.05
C THR A 115 -22.08 20.43 -4.17
N VAL A 116 -23.19 21.05 -4.58
CA VAL A 116 -24.50 20.65 -4.09
C VAL A 116 -24.71 19.18 -4.45
N ASN A 117 -25.70 18.57 -3.83
CA ASN A 117 -25.96 17.13 -3.95
C ASN A 117 -26.74 16.81 -5.24
N LEU A 118 -26.02 16.75 -6.34
CA LEU A 118 -26.63 16.60 -7.66
C LEU A 118 -27.31 15.26 -7.87
N SER A 119 -26.67 14.19 -7.42
CA SER A 119 -27.26 12.87 -7.60
C SER A 119 -28.56 12.77 -6.82
N THR A 120 -28.53 13.24 -5.58
CA THR A 120 -29.70 13.17 -4.70
C THR A 120 -30.89 13.98 -5.22
N MET A 121 -30.61 15.19 -5.70
CA MET A 121 -31.64 16.00 -6.35
C MET A 121 -32.16 15.31 -7.63
N ALA A 122 -31.25 14.82 -8.45
CA ALA A 122 -31.66 14.09 -9.65
C ALA A 122 -32.59 12.92 -9.32
N ALA A 123 -32.23 12.16 -8.27
CA ALA A 123 -33.01 10.99 -7.89
C ALA A 123 -34.47 11.32 -7.53
N ILE A 124 -34.67 12.42 -6.79
CA ILE A 124 -36.00 12.90 -6.47
C ILE A 124 -36.76 13.25 -7.77
N VAL A 125 -36.08 13.92 -8.70
CA VAL A 125 -36.71 14.35 -9.94
C VAL A 125 -37.10 13.16 -10.78
N VAL A 126 -36.19 12.18 -10.86
CA VAL A 126 -36.44 10.94 -11.59
C VAL A 126 -37.66 10.22 -11.05
N ALA A 127 -37.73 10.06 -9.73
CA ALA A 127 -38.90 9.40 -9.09
C ALA A 127 -40.19 10.14 -9.41
N ALA A 128 -40.13 11.47 -9.37
CA ALA A 128 -41.27 12.32 -9.63
C ALA A 128 -41.71 12.24 -11.09
N ALA A 129 -40.79 11.85 -11.96
CA ALA A 129 -41.12 11.59 -13.38
C ALA A 129 -41.78 10.20 -13.57
N GLY A 130 -41.84 9.39 -12.51
CA GLY A 130 -42.55 8.13 -12.55
C GLY A 130 -41.65 6.91 -12.70
N VAL A 131 -40.36 7.08 -12.56
CA VAL A 131 -39.42 5.96 -12.62
C VAL A 131 -39.12 5.50 -11.19
N PRO A 132 -39.18 4.19 -10.90
CA PRO A 132 -38.86 3.79 -9.52
C PRO A 132 -37.39 4.01 -9.22
N VAL A 133 -37.10 4.54 -8.04
CA VAL A 133 -35.74 4.84 -7.65
C VAL A 133 -35.43 4.16 -6.34
N VAL A 134 -34.34 3.41 -6.32
CA VAL A 134 -33.80 2.91 -5.07
C VAL A 134 -32.36 3.38 -5.00
N LYS A 135 -32.15 4.45 -4.23
CA LYS A 135 -30.86 5.07 -4.17
C LYS A 135 -30.04 4.49 -3.04
N HIS A 136 -28.78 4.22 -3.33
CA HIS A 136 -27.76 3.84 -2.34
C HIS A 136 -27.00 5.12 -2.04
N GLY A 137 -26.53 5.28 -0.81
CA GLY A 137 -25.78 6.47 -0.45
C GLY A 137 -25.21 6.40 0.96
N ASN A 138 -24.54 7.47 1.33
CA ASN A 138 -23.82 7.52 2.58
C ASN A 138 -23.62 8.99 2.96
N ARG A 139 -23.24 9.23 4.20
CA ARG A 139 -22.82 10.56 4.63
C ARG A 139 -21.57 11.06 3.86
N ALA A 140 -21.21 12.32 4.07
CA ALA A 140 -20.04 12.89 3.41
C ALA A 140 -18.78 12.19 3.91
N ALA A 141 -17.81 12.01 3.01
CA ALA A 141 -16.48 11.52 3.39
C ALA A 141 -15.51 12.71 3.43
N SER A 142 -15.33 13.41 2.32
CA SER A 142 -14.46 14.60 2.32
C SER A 142 -15.19 15.92 2.06
N SER A 143 -16.44 15.87 1.57
CA SER A 143 -17.24 17.08 1.36
C SER A 143 -17.92 17.54 2.66
N LEU A 144 -18.60 18.68 2.61
CA LEU A 144 -19.29 19.20 3.78
C LEU A 144 -20.62 18.51 4.07
N SER A 145 -21.34 18.11 3.02
CA SER A 145 -22.62 17.41 3.20
C SER A 145 -22.85 16.40 2.06
N GLY A 146 -22.91 15.12 2.42
CA GLY A 146 -23.15 14.07 1.45
C GLY A 146 -24.64 13.91 1.27
N GLY A 147 -25.02 13.08 0.31
CA GLY A 147 -26.43 12.84 0.01
C GLY A 147 -27.25 12.45 1.24
N ALA A 148 -26.75 11.52 2.05
CA ALA A 148 -27.47 11.13 3.28
C ALA A 148 -27.65 12.28 4.28
N ASP A 149 -26.63 13.11 4.43
CA ASP A 149 -26.67 14.26 5.34
C ASP A 149 -27.77 15.23 4.91
N THR A 150 -27.83 15.48 3.60
CA THR A 150 -28.78 16.43 3.05
C THR A 150 -30.21 15.91 3.14
N LEU A 151 -30.41 14.64 2.77
CA LEU A 151 -31.70 13.98 2.96
C LEU A 151 -32.16 14.08 4.41
N GLU A 152 -31.26 13.83 5.33
CA GLU A 152 -31.56 13.94 6.75
C GLU A 152 -32.01 15.36 7.10
N ALA A 153 -31.29 16.35 6.61
CA ALA A 153 -31.62 17.75 6.87
C ALA A 153 -32.94 18.17 6.25
N LEU A 154 -33.37 17.47 5.19
CA LEU A 154 -34.67 17.71 4.57
C LEU A 154 -35.83 17.04 5.33
N GLY A 155 -35.53 16.18 6.30
CA GLY A 155 -36.56 15.46 7.05
C GLY A 155 -36.85 14.07 6.51
N VAL A 156 -36.09 13.61 5.54
CA VAL A 156 -36.23 12.24 5.04
C VAL A 156 -35.52 11.29 5.99
N ARG A 157 -36.13 10.14 6.23
CA ARG A 157 -35.55 9.12 7.13
C ARG A 157 -34.50 8.33 6.38
N ILE A 158 -33.25 8.40 6.83
CA ILE A 158 -32.16 7.73 6.09
C ILE A 158 -31.82 6.37 6.70
N ASP A 159 -32.40 6.07 7.85
CA ASP A 159 -32.04 4.93 8.70
C ASP A 159 -32.98 3.72 8.59
N LEU A 160 -33.71 3.56 7.49
CA LEU A 160 -34.70 2.51 7.40
C LEU A 160 -34.07 1.20 6.99
N GLY A 161 -34.57 0.11 7.55
CA GLY A 161 -34.12 -1.24 7.19
C GLY A 161 -34.78 -1.78 5.94
N PRO A 162 -34.42 -3.02 5.54
CA PRO A 162 -34.94 -3.62 4.33
C PRO A 162 -36.46 -3.50 4.15
N ASP A 163 -37.23 -3.85 5.16
CA ASP A 163 -38.70 -3.86 5.02
C ASP A 163 -39.25 -2.46 4.76
N LEU A 164 -38.80 -1.48 5.53
CA LEU A 164 -39.34 -0.13 5.37
C LEU A 164 -38.82 0.56 4.09
N VAL A 165 -37.63 0.23 3.63
CA VAL A 165 -37.17 0.75 2.33
C VAL A 165 -38.10 0.21 1.24
N ALA A 166 -38.45 -1.07 1.34
CA ALA A 166 -39.33 -1.68 0.34
C ALA A 166 -40.69 -0.97 0.36
N ARG A 167 -41.18 -0.66 1.56
CA ARG A 167 -42.44 0.08 1.71
C ARG A 167 -42.34 1.49 1.13
N SER A 168 -41.24 2.17 1.39
CA SER A 168 -41.00 3.50 0.84
C SER A 168 -41.11 3.48 -0.69
N LEU A 169 -40.41 2.53 -1.28
CA LEU A 169 -40.44 2.34 -2.72
C LEU A 169 -41.87 2.09 -3.23
N ALA A 170 -42.62 1.19 -2.58
CA ALA A 170 -44.01 0.91 -3.00
C ALA A 170 -44.96 2.10 -2.79
N GLU A 171 -44.81 2.83 -1.69
CA GLU A 171 -45.76 3.89 -1.35
C GLU A 171 -45.39 5.29 -1.87
N VAL A 172 -44.09 5.55 -1.99
CA VAL A 172 -43.61 6.86 -2.46
C VAL A 172 -42.95 6.82 -3.84
N GLY A 173 -42.52 5.63 -4.28
CA GLY A 173 -41.82 5.49 -5.56
C GLY A 173 -40.33 5.75 -5.45
N ILE A 174 -39.83 5.95 -4.23
CA ILE A 174 -38.40 6.15 -3.99
C ILE A 174 -38.03 5.55 -2.64
N GLY A 175 -36.85 4.96 -2.57
CA GLY A 175 -36.29 4.43 -1.33
C GLY A 175 -34.82 4.77 -1.29
N PHE A 176 -34.29 4.90 -0.08
CA PHE A 176 -32.89 5.16 0.16
C PHE A 176 -32.33 4.09 1.09
N CYS A 177 -31.31 3.39 0.58
CA CYS A 177 -30.53 2.42 1.34
C CYS A 177 -29.26 3.06 1.87
N PHE A 178 -29.22 3.25 3.18
CA PHE A 178 -28.09 3.87 3.86
C PHE A 178 -27.05 2.79 4.05
N ALA A 179 -25.86 2.99 3.47
CA ALA A 179 -24.85 1.94 3.34
C ALA A 179 -24.45 1.30 4.68
N PRO A 180 -24.20 2.11 5.72
CA PRO A 180 -23.86 1.47 7.00
C PRO A 180 -24.95 0.57 7.56
N ARG A 181 -26.21 0.88 7.29
CA ARG A 181 -27.33 0.02 7.72
C ARG A 181 -27.40 -1.31 6.93
N PHE A 182 -27.08 -1.27 5.64
CA PHE A 182 -27.18 -2.47 4.79
C PHE A 182 -25.89 -3.29 4.68
N HIS A 183 -24.75 -2.70 5.03
CA HIS A 183 -23.46 -3.35 4.91
C HIS A 183 -22.69 -3.38 6.24
N PRO A 184 -23.28 -3.93 7.30
CA PRO A 184 -22.58 -3.95 8.60
C PRO A 184 -21.19 -4.62 8.57
N SER A 185 -21.03 -5.66 7.77
CA SER A 185 -19.78 -6.40 7.76
C SER A 185 -18.65 -5.68 7.04
N TYR A 186 -18.97 -4.56 6.40
CA TYR A 186 -17.96 -3.69 5.78
C TYR A 186 -17.25 -2.79 6.78
N ARG A 187 -17.64 -2.85 8.06
CA ARG A 187 -17.12 -1.93 9.07
C ARG A 187 -15.59 -1.92 9.23
N HIS A 188 -14.94 -3.04 9.00
CA HIS A 188 -13.48 -3.10 9.14
C HIS A 188 -12.78 -2.36 8.00
N ALA A 189 -13.27 -2.58 6.77
CA ALA A 189 -12.78 -1.85 5.59
C ALA A 189 -13.09 -0.35 5.69
N ALA A 190 -14.30 -0.02 6.14
CA ALA A 190 -14.68 1.39 6.29
C ALA A 190 -13.76 2.12 7.24
N ALA A 191 -13.43 1.50 8.37
CA ALA A 191 -12.53 2.08 9.37
C ALA A 191 -11.12 2.31 8.77
N VAL A 192 -10.60 1.32 8.04
CA VAL A 192 -9.31 1.46 7.40
C VAL A 192 -9.35 2.58 6.37
N ARG A 193 -10.42 2.66 5.59
CA ARG A 193 -10.55 3.73 4.64
C ARG A 193 -10.40 5.11 5.29
N ARG A 194 -11.09 5.31 6.42
CA ARG A 194 -11.03 6.58 7.16
C ARG A 194 -9.63 6.83 7.72
N GLU A 195 -8.98 5.79 8.23
CA GLU A 195 -7.65 5.97 8.82
C GLU A 195 -6.61 6.39 7.79
N ILE A 196 -6.65 5.82 6.59
CA ILE A 196 -5.62 6.12 5.60
C ILE A 196 -5.93 7.36 4.76
N GLY A 197 -7.23 7.63 4.52
CA GLY A 197 -7.67 8.87 3.87
C GLY A 197 -7.52 8.84 2.36
N VAL A 198 -6.39 8.33 1.88
CA VAL A 198 -6.12 8.27 0.45
C VAL A 198 -7.21 7.44 -0.25
N PRO A 199 -7.73 7.93 -1.39
CA PRO A 199 -8.66 7.11 -2.15
C PRO A 199 -8.01 5.83 -2.67
N THR A 200 -8.78 4.74 -2.67
CA THR A 200 -8.31 3.45 -3.14
C THR A 200 -9.39 2.81 -3.98
N VAL A 201 -9.11 1.59 -4.43
CA VAL A 201 -10.11 0.77 -5.08
C VAL A 201 -11.40 0.65 -4.26
N PHE A 202 -11.32 0.75 -2.93
CA PHE A 202 -12.51 0.60 -2.10
C PHE A 202 -13.52 1.72 -2.38
N ASN A 203 -13.03 2.88 -2.80
CA ASN A 203 -13.90 4.01 -3.14
C ASN A 203 -14.86 3.72 -4.31
N LEU A 204 -14.57 2.68 -5.09
CA LEU A 204 -15.46 2.27 -6.17
C LEU A 204 -16.65 1.46 -5.69
N LEU A 205 -16.57 0.93 -4.46
CA LEU A 205 -17.45 -0.17 -4.08
C LEU A 205 -18.88 0.24 -3.71
N GLY A 206 -19.04 1.44 -3.14
CA GLY A 206 -20.38 1.99 -2.82
C GLY A 206 -21.35 1.91 -3.99
N PRO A 207 -21.01 2.57 -5.10
CA PRO A 207 -21.89 2.54 -6.25
C PRO A 207 -22.13 1.14 -6.82
N LEU A 208 -21.18 0.21 -6.63
CA LEU A 208 -21.30 -1.14 -7.16
C LEU A 208 -22.07 -2.09 -6.25
N THR A 209 -22.46 -1.64 -5.05
CA THR A 209 -23.03 -2.58 -4.06
C THR A 209 -24.37 -2.12 -3.47
N ASN A 210 -25.20 -1.48 -4.27
CA ASN A 210 -26.55 -1.17 -3.85
C ASN A 210 -27.24 -2.48 -3.46
N PRO A 211 -27.72 -2.59 -2.22
CA PRO A 211 -28.23 -3.87 -1.75
C PRO A 211 -29.55 -4.26 -2.35
N ALA A 212 -30.29 -3.33 -2.97
CA ALA A 212 -31.51 -3.65 -3.70
C ALA A 212 -31.25 -4.15 -5.10
N ARG A 213 -29.99 -4.03 -5.55
CA ARG A 213 -29.55 -4.53 -6.86
C ARG A 213 -30.40 -4.05 -8.05
N PRO A 214 -30.65 -2.73 -8.15
CA PRO A 214 -31.43 -2.28 -9.31
C PRO A 214 -30.64 -2.52 -10.61
N ARG A 215 -31.36 -2.73 -11.70
CA ARG A 215 -30.73 -3.08 -12.98
C ARG A 215 -30.33 -1.89 -13.84
N ALA A 216 -30.75 -0.69 -13.45
CA ALA A 216 -30.33 0.51 -14.13
C ALA A 216 -29.74 1.55 -13.20
N GLY A 217 -28.96 2.44 -13.79
CA GLY A 217 -28.30 3.42 -12.95
C GLY A 217 -27.61 4.50 -13.71
N LEU A 218 -27.55 5.68 -13.09
CA LEU A 218 -26.61 6.72 -13.46
C LEU A 218 -25.51 6.77 -12.37
N ILE A 219 -24.31 6.36 -12.76
CA ILE A 219 -23.25 6.08 -11.81
C ILE A 219 -22.05 6.99 -12.06
N GLY A 220 -21.77 7.87 -11.11
CA GLY A 220 -20.68 8.84 -11.24
C GLY A 220 -19.36 8.28 -10.73
N CYS A 221 -18.29 8.59 -11.46
CA CYS A 221 -16.94 8.18 -11.05
C CYS A 221 -16.00 9.37 -11.08
N ALA A 222 -15.40 9.67 -9.93
CA ALA A 222 -14.52 10.82 -9.80
C ALA A 222 -13.15 10.53 -10.43
N PHE A 223 -12.85 9.25 -10.64
CA PHE A 223 -11.50 8.83 -11.04
C PHE A 223 -11.55 8.35 -12.49
N ALA A 224 -11.07 9.21 -13.38
CA ALA A 224 -11.15 9.03 -14.84
C ALA A 224 -10.65 7.64 -15.30
N ASP A 225 -9.57 7.19 -14.68
CA ASP A 225 -8.92 5.92 -15.01
C ASP A 225 -9.69 4.67 -14.54
N LEU A 226 -10.63 4.83 -13.60
CA LEU A 226 -11.36 3.69 -13.06
C LEU A 226 -12.79 3.56 -13.57
N ALA A 227 -13.31 4.61 -14.19
CA ALA A 227 -14.66 4.60 -14.73
C ALA A 227 -14.86 3.40 -15.65
N GLU A 228 -13.85 3.11 -16.45
CA GLU A 228 -14.00 2.02 -17.38
C GLU A 228 -14.12 0.70 -16.63
N VAL A 229 -13.37 0.58 -15.55
CA VAL A 229 -13.41 -0.61 -14.70
C VAL A 229 -14.81 -0.78 -14.09
N MET A 230 -15.36 0.31 -13.56
CA MET A 230 -16.72 0.29 -13.02
C MET A 230 -17.71 -0.14 -14.10
N ALA A 231 -17.54 0.39 -15.31
CA ALA A 231 -18.42 -0.01 -16.42
C ALA A 231 -18.31 -1.49 -16.71
N GLY A 232 -17.09 -2.02 -16.68
CA GLY A 232 -16.86 -3.44 -16.91
C GLY A 232 -17.62 -4.31 -15.91
N VAL A 233 -17.66 -3.87 -14.66
CA VAL A 233 -18.34 -4.62 -13.60
C VAL A 233 -19.84 -4.65 -13.91
N PHE A 234 -20.42 -3.49 -14.27
CA PHE A 234 -21.84 -3.45 -14.64
C PHE A 234 -22.17 -4.26 -15.89
N ALA A 235 -21.26 -4.26 -16.86
CA ALA A 235 -21.43 -5.06 -18.07
C ALA A 235 -21.62 -6.55 -17.77
N ALA A 236 -20.93 -7.06 -16.76
CA ALA A 236 -21.07 -8.47 -16.41
C ALA A 236 -22.36 -8.74 -15.61
N ARG A 237 -23.16 -7.71 -15.35
CA ARG A 237 -24.44 -7.86 -14.66
C ARG A 237 -25.62 -7.68 -15.60
N ARG A 238 -25.37 -7.25 -16.83
CA ARG A 238 -26.50 -6.98 -17.72
C ARG A 238 -27.40 -5.89 -17.10
N SER A 239 -26.77 -4.83 -16.67
CA SER A 239 -27.50 -3.71 -16.19
C SER A 239 -27.65 -2.82 -17.43
N SER A 240 -28.46 -1.78 -17.32
CA SER A 240 -28.39 -0.67 -18.27
C SER A 240 -27.93 0.54 -17.46
N VAL A 241 -26.68 0.92 -17.66
CA VAL A 241 -26.05 1.90 -16.81
C VAL A 241 -25.31 2.95 -17.67
N LEU A 242 -25.36 4.22 -17.25
CA LEU A 242 -24.40 5.19 -17.75
C LEU A 242 -23.41 5.46 -16.62
N VAL A 243 -22.16 5.09 -16.86
CA VAL A 243 -21.06 5.47 -15.98
C VAL A 243 -20.50 6.79 -16.54
N VAL A 244 -20.45 7.80 -15.68
CA VAL A 244 -20.15 9.15 -16.14
C VAL A 244 -18.99 9.78 -15.37
N HIS A 245 -18.18 10.53 -16.12
CA HIS A 245 -17.11 11.35 -15.55
C HIS A 245 -17.10 12.69 -16.27
N GLY A 246 -17.37 13.76 -15.54
CA GLY A 246 -17.26 15.10 -16.12
C GLY A 246 -15.81 15.35 -16.45
N ASP A 247 -15.55 15.93 -17.62
CA ASP A 247 -14.17 16.19 -18.03
C ASP A 247 -13.54 17.36 -17.24
N ASP A 248 -14.30 17.92 -16.30
CA ASP A 248 -13.82 18.88 -15.30
C ASP A 248 -13.54 18.19 -13.97
N GLY A 249 -13.77 16.86 -13.91
CA GLY A 249 -13.48 16.08 -12.72
C GLY A 249 -14.69 15.68 -11.88
N LEU A 250 -15.87 16.21 -12.19
CA LEU A 250 -17.05 15.86 -11.40
C LEU A 250 -17.43 14.38 -11.56
N ASP A 251 -17.90 13.78 -10.48
CA ASP A 251 -18.49 12.45 -10.54
C ASP A 251 -20.00 12.55 -10.87
N GLU A 252 -20.32 13.37 -11.87
CA GLU A 252 -21.70 13.63 -12.29
C GLU A 252 -21.58 14.03 -13.74
N LEU A 253 -22.68 14.04 -14.47
CA LEU A 253 -22.69 14.73 -15.76
C LEU A 253 -22.57 16.22 -15.45
N THR A 254 -21.60 16.87 -16.08
CA THR A 254 -21.32 18.28 -15.79
C THR A 254 -21.91 19.21 -16.82
N THR A 255 -22.13 20.46 -16.40
CA THR A 255 -22.56 21.54 -17.30
C THR A 255 -21.41 22.51 -17.69
N THR A 256 -20.20 22.31 -17.17
CA THR A 256 -19.09 23.25 -17.43
C THR A 256 -18.28 22.91 -18.65
N THR A 257 -18.40 21.67 -19.11
CA THR A 257 -17.67 21.22 -20.29
C THR A 257 -18.31 19.89 -20.71
N THR A 258 -17.59 19.11 -21.52
CA THR A 258 -18.05 17.77 -21.89
C THR A 258 -17.91 16.78 -20.73
N SER A 259 -18.53 15.61 -20.93
CA SER A 259 -18.36 14.47 -20.05
C SER A 259 -18.01 13.23 -20.87
N THR A 260 -17.36 12.29 -20.22
CA THR A 260 -17.16 10.99 -20.81
C THR A 260 -18.20 10.05 -20.24
N ILE A 261 -18.89 9.31 -21.12
CA ILE A 261 -19.92 8.37 -20.69
C ILE A 261 -19.52 7.00 -21.19
N TRP A 262 -19.55 6.03 -20.29
CA TRP A 262 -19.42 4.64 -20.65
C TRP A 262 -20.81 4.06 -20.53
N ARG A 263 -21.41 3.85 -21.69
CA ARG A 263 -22.75 3.34 -21.77
C ARG A 263 -22.69 1.82 -21.73
N VAL A 264 -23.37 1.23 -20.74
CA VAL A 264 -23.38 -0.22 -20.53
C VAL A 264 -24.77 -0.79 -20.79
N ALA A 265 -24.82 -1.81 -21.64
CA ALA A 265 -26.05 -2.54 -21.92
C ALA A 265 -25.73 -3.85 -22.62
N ALA A 266 -26.56 -4.85 -22.34
CA ALA A 266 -26.50 -6.14 -23.00
C ALA A 266 -25.13 -6.80 -22.87
N GLY A 267 -24.43 -6.53 -21.77
CA GLY A 267 -23.12 -7.11 -21.56
C GLY A 267 -21.99 -6.41 -22.31
N SER A 268 -22.25 -5.24 -22.91
CA SER A 268 -21.16 -4.48 -23.52
C SER A 268 -21.15 -2.98 -23.19
N VAL A 269 -20.06 -2.33 -23.60
CA VAL A 269 -19.78 -0.94 -23.26
C VAL A 269 -19.55 -0.12 -24.54
N ASP A 270 -20.11 1.08 -24.60
CA ASP A 270 -19.99 1.99 -25.73
C ASP A 270 -19.50 3.29 -25.11
N LYS A 271 -18.21 3.56 -25.25
CA LYS A 271 -17.63 4.77 -24.67
C LYS A 271 -17.88 5.96 -25.60
N LEU A 272 -18.23 7.11 -25.03
CA LEU A 272 -18.44 8.29 -25.87
C LEU A 272 -18.24 9.60 -25.12
N THR A 273 -18.00 10.64 -25.90
CA THR A 273 -17.88 12.00 -25.44
C THR A 273 -19.24 12.66 -25.58
N PHE A 274 -19.71 13.30 -24.51
CA PHE A 274 -21.06 13.83 -24.41
C PHE A 274 -20.96 15.33 -24.21
N ASP A 275 -21.80 16.07 -24.91
CA ASP A 275 -21.76 17.53 -24.81
C ASP A 275 -23.17 18.09 -24.70
N PRO A 276 -23.50 18.63 -23.53
CA PRO A 276 -24.86 19.11 -23.31
C PRO A 276 -25.20 20.40 -24.08
N ALA A 277 -24.21 21.08 -24.65
CA ALA A 277 -24.48 22.21 -25.51
C ALA A 277 -25.32 21.75 -26.70
N GLY A 278 -25.20 20.48 -27.06
CA GLY A 278 -26.05 19.88 -28.09
C GLY A 278 -27.52 19.85 -27.72
N PHE A 279 -27.84 19.99 -26.43
CA PHE A 279 -29.23 20.07 -25.99
C PHE A 279 -29.59 21.50 -25.59
N GLY A 280 -28.71 22.45 -25.90
CA GLY A 280 -28.97 23.86 -25.64
C GLY A 280 -28.57 24.34 -24.26
N PHE A 281 -27.85 23.53 -23.48
CA PHE A 281 -27.38 23.98 -22.17
C PHE A 281 -26.23 24.98 -22.30
N ALA A 282 -26.35 26.13 -21.66
CA ALA A 282 -25.22 27.06 -21.56
C ALA A 282 -24.14 26.47 -20.68
N ARG A 283 -22.89 26.81 -20.99
CA ARG A 283 -21.73 26.44 -20.18
C ARG A 283 -21.80 27.16 -18.84
N ALA A 284 -21.62 26.42 -17.75
CA ALA A 284 -21.59 27.01 -16.40
C ALA A 284 -20.14 27.00 -15.88
N GLN A 285 -19.92 27.62 -14.73
CA GLN A 285 -18.63 27.56 -14.03
C GLN A 285 -18.81 26.70 -12.78
N LEU A 286 -17.75 25.98 -12.39
CA LEU A 286 -17.82 25.06 -11.24
C LEU A 286 -18.31 25.73 -9.95
N ASP A 287 -17.82 26.95 -9.69
CA ASP A 287 -18.26 27.71 -8.52
C ASP A 287 -19.77 27.95 -8.47
N GLN A 288 -20.45 27.88 -9.61
CA GLN A 288 -21.91 28.08 -9.62
C GLN A 288 -22.63 26.85 -9.05
N LEU A 289 -21.95 25.71 -9.04
CA LEU A 289 -22.48 24.47 -8.48
C LEU A 289 -21.98 24.20 -7.05
N ALA A 290 -21.39 25.20 -6.40
CA ALA A 290 -20.73 24.99 -5.11
C ALA A 290 -21.74 24.74 -3.99
N GLY A 291 -21.41 23.80 -3.11
CA GLY A 291 -22.29 23.44 -2.02
C GLY A 291 -21.82 24.03 -0.70
N GLY A 292 -22.45 23.61 0.39
CA GLY A 292 -22.11 24.09 1.72
C GLY A 292 -22.43 23.02 2.73
N ASP A 293 -22.84 23.41 3.92
CA ASP A 293 -23.21 22.44 4.93
C ASP A 293 -24.60 21.82 4.62
N ALA A 294 -25.00 20.87 5.46
CA ALA A 294 -26.26 20.17 5.25
C ALA A 294 -27.45 21.11 5.11
N GLN A 295 -27.53 22.12 5.97
CA GLN A 295 -28.63 23.10 5.92
C GLN A 295 -28.58 23.91 4.64
N ALA A 296 -27.39 24.28 4.19
CA ALA A 296 -27.24 25.02 2.94
C ALA A 296 -27.62 24.14 1.74
N ASN A 297 -27.16 22.90 1.73
CA ASN A 297 -27.47 22.01 0.61
C ASN A 297 -28.96 21.59 0.57
N ALA A 298 -29.58 21.47 1.72
CA ALA A 298 -31.02 21.24 1.81
C ALA A 298 -31.79 22.44 1.25
N ALA A 299 -31.33 23.65 1.57
CA ALA A 299 -31.94 24.87 1.00
C ALA A 299 -31.81 24.90 -0.53
N ALA A 300 -30.68 24.43 -1.05
CA ALA A 300 -30.51 24.33 -2.50
C ALA A 300 -31.52 23.34 -3.12
N VAL A 301 -31.81 22.23 -2.44
CA VAL A 301 -32.78 21.26 -2.94
C VAL A 301 -34.15 21.93 -3.03
N ARG A 302 -34.56 22.56 -1.95
CA ARG A 302 -35.85 23.21 -1.91
C ARG A 302 -35.97 24.29 -3.00
N ALA A 303 -34.90 25.03 -3.26
CA ALA A 303 -34.92 26.08 -4.29
C ALA A 303 -35.16 25.49 -5.68
N VAL A 304 -34.42 24.43 -6.01
CA VAL A 304 -34.52 23.79 -7.33
C VAL A 304 -35.91 23.19 -7.54
N LEU A 305 -36.38 22.48 -6.52
CA LEU A 305 -37.67 21.81 -6.61
C LEU A 305 -38.83 22.81 -6.62
N GLY A 306 -38.57 24.02 -6.13
CA GLY A 306 -39.54 25.11 -6.14
C GLY A 306 -39.57 25.84 -7.47
N GLY A 307 -38.72 25.45 -8.41
CA GLY A 307 -38.73 26.05 -9.74
C GLY A 307 -37.65 27.11 -10.00
N ALA A 308 -36.75 27.37 -9.06
CA ALA A 308 -35.70 28.38 -9.29
C ALA A 308 -34.83 28.02 -10.50
N ARG A 309 -34.62 28.96 -11.43
CA ARG A 309 -33.85 28.66 -12.63
C ARG A 309 -32.39 28.99 -12.40
N GLY A 310 -31.51 28.39 -13.20
CA GLY A 310 -30.10 28.68 -13.10
C GLY A 310 -29.23 27.45 -13.24
N PRO A 311 -27.93 27.60 -13.01
CA PRO A 311 -26.95 26.53 -13.22
C PRO A 311 -27.23 25.24 -12.43
N VAL A 312 -27.70 25.37 -11.19
CA VAL A 312 -27.95 24.20 -10.35
C VAL A 312 -29.11 23.38 -10.92
N ARG A 313 -30.22 24.04 -11.20
CA ARG A 313 -31.32 23.37 -11.88
C ARG A 313 -30.84 22.66 -13.16
N ASP A 314 -30.10 23.36 -14.01
CA ASP A 314 -29.63 22.78 -15.26
C ASP A 314 -28.88 21.48 -15.02
N ALA A 315 -27.96 21.50 -14.07
CA ALA A 315 -27.20 20.30 -13.73
C ALA A 315 -28.10 19.17 -13.20
N VAL A 316 -29.08 19.53 -12.40
CA VAL A 316 -30.03 18.54 -11.85
C VAL A 316 -30.82 17.90 -13.00
N VAL A 317 -31.34 18.73 -13.90
CA VAL A 317 -32.12 18.27 -15.05
C VAL A 317 -31.29 17.38 -15.97
N LEU A 318 -30.03 17.74 -16.18
CA LEU A 318 -29.14 16.95 -17.04
C LEU A 318 -28.93 15.55 -16.46
N ASN A 319 -28.64 15.48 -15.17
CA ASN A 319 -28.38 14.18 -14.54
C ASN A 319 -29.64 13.33 -14.37
N ALA A 320 -30.77 13.97 -14.08
CA ALA A 320 -32.05 13.28 -14.04
C ALA A 320 -32.36 12.66 -15.39
N ALA A 321 -32.12 13.41 -16.46
CA ALA A 321 -32.38 12.88 -17.78
C ALA A 321 -31.46 11.69 -18.05
N GLY A 322 -30.21 11.80 -17.60
CA GLY A 322 -29.24 10.71 -17.76
C GLY A 322 -29.76 9.41 -17.16
N ALA A 323 -30.33 9.52 -15.96
CA ALA A 323 -30.86 8.35 -15.27
C ALA A 323 -32.08 7.81 -16.00
N ILE A 324 -32.90 8.72 -16.53
CA ILE A 324 -34.08 8.30 -17.27
C ILE A 324 -33.64 7.57 -18.54
N VAL A 325 -32.54 8.01 -19.13
CA VAL A 325 -31.99 7.32 -20.32
C VAL A 325 -31.48 5.91 -19.98
N ALA A 326 -30.82 5.77 -18.85
CA ALA A 326 -30.38 4.44 -18.40
C ALA A 326 -31.59 3.51 -18.19
N HIS A 327 -32.61 4.02 -17.52
CA HIS A 327 -33.85 3.28 -17.35
C HIS A 327 -34.47 2.85 -18.68
N ALA A 328 -34.43 3.72 -19.70
CA ALA A 328 -35.02 3.40 -21.01
C ALA A 328 -34.22 2.29 -21.68
N GLY A 329 -32.93 2.23 -21.41
CA GLY A 329 -32.09 1.18 -21.92
C GLY A 329 -32.39 -0.22 -21.42
N LEU A 330 -33.34 -0.37 -20.48
CA LEU A 330 -33.76 -1.69 -20.01
C LEU A 330 -34.73 -2.31 -21.00
N SER A 331 -35.92 -1.71 -21.12
CA SER A 331 -36.91 -2.08 -22.13
C SER A 331 -36.62 -1.25 -23.38
N SER A 332 -35.53 -1.61 -24.06
CA SER A 332 -34.82 -0.69 -24.96
C SER A 332 -35.46 -0.50 -26.33
N ARG A 333 -36.59 0.19 -26.34
CA ARG A 333 -37.16 0.67 -27.58
C ARG A 333 -36.25 1.78 -28.14
N ALA A 334 -36.12 2.84 -27.36
CA ALA A 334 -35.61 4.12 -27.87
C ALA A 334 -34.10 4.16 -28.14
N GLU A 335 -33.76 4.91 -29.18
CA GLU A 335 -32.38 5.22 -29.48
C GLU A 335 -31.83 6.36 -28.63
N TRP A 336 -30.51 6.48 -28.61
CA TRP A 336 -29.79 7.39 -27.73
C TRP A 336 -30.33 8.81 -27.74
N LEU A 337 -30.30 9.46 -28.91
CA LEU A 337 -30.75 10.86 -28.98
C LEU A 337 -32.19 11.09 -28.56
N PRO A 338 -33.14 10.37 -29.18
CA PRO A 338 -34.52 10.56 -28.75
C PRO A 338 -34.75 10.24 -27.26
N ALA A 339 -34.05 9.23 -26.74
CA ALA A 339 -34.14 8.91 -25.30
C ALA A 339 -33.71 10.11 -24.44
N TRP A 340 -32.66 10.79 -24.86
CA TRP A 340 -32.16 12.00 -24.15
C TRP A 340 -33.16 13.13 -24.23
N GLU A 341 -33.75 13.31 -25.41
CA GLU A 341 -34.72 14.38 -25.59
C GLU A 341 -35.93 14.14 -24.70
N GLU A 342 -36.39 12.90 -24.63
CA GLU A 342 -37.50 12.57 -23.77
C GLU A 342 -37.16 12.66 -22.26
N GLY A 343 -35.96 12.19 -21.89
CA GLY A 343 -35.44 12.35 -20.53
C GLY A 343 -35.43 13.79 -20.05
N LEU A 344 -34.90 14.69 -20.89
CA LEU A 344 -34.84 16.12 -20.58
C LEU A 344 -36.26 16.72 -20.42
N ARG A 345 -37.18 16.32 -21.29
CA ARG A 345 -38.57 16.75 -21.20
CA ARG A 345 -38.57 16.76 -21.19
C ARG A 345 -39.19 16.30 -19.87
N ARG A 346 -39.03 15.01 -19.55
CA ARG A 346 -39.63 14.46 -18.34
C ARG A 346 -39.05 15.04 -17.06
N ALA A 347 -37.73 15.20 -17.04
CA ALA A 347 -37.06 15.74 -15.88
C ALA A 347 -37.49 17.20 -15.66
N SER A 348 -37.51 18.00 -16.72
CA SER A 348 -37.95 19.39 -16.62
C SER A 348 -39.41 19.49 -16.15
N ALA A 349 -40.26 18.68 -16.76
CA ALA A 349 -41.68 18.65 -16.41
C ALA A 349 -41.90 18.22 -14.95
N ALA A 350 -41.12 17.26 -14.47
CA ALA A 350 -41.26 16.83 -13.08
C ALA A 350 -41.03 17.97 -12.09
N ILE A 351 -40.10 18.87 -12.41
CA ILE A 351 -39.91 20.06 -11.58
C ILE A 351 -41.03 21.10 -11.77
N ASP A 352 -41.28 21.47 -13.02
CA ASP A 352 -42.17 22.60 -13.32
C ASP A 352 -43.64 22.37 -12.93
N THR A 353 -44.08 21.11 -12.95
CA THR A 353 -45.46 20.79 -12.55
C THR A 353 -45.60 20.59 -11.05
N GLY A 354 -44.49 20.76 -10.32
CA GLY A 354 -44.51 20.62 -8.86
C GLY A 354 -44.40 19.18 -8.41
N ALA A 355 -44.32 18.25 -9.35
CA ALA A 355 -44.29 16.82 -9.00
C ALA A 355 -43.13 16.43 -8.09
N ALA A 356 -41.94 16.97 -8.34
CA ALA A 356 -40.76 16.68 -7.53
C ALA A 356 -40.88 17.25 -6.11
N GLU A 357 -41.34 18.49 -6.01
CA GLU A 357 -41.57 19.11 -4.72
C GLU A 357 -42.61 18.31 -3.94
N GLN A 358 -43.66 17.90 -4.64
CA GLN A 358 -44.74 17.15 -4.02
C GLN A 358 -44.25 15.78 -3.56
N LEU A 359 -43.43 15.13 -4.40
CA LEU A 359 -42.90 13.82 -4.04
C LEU A 359 -42.02 13.88 -2.79
N LEU A 360 -41.14 14.88 -2.70
CA LEU A 360 -40.32 15.05 -1.49
C LEU A 360 -41.16 15.24 -0.23
N ALA A 361 -42.19 16.08 -0.31
CA ALA A 361 -43.11 16.28 0.82
C ALA A 361 -43.74 14.95 1.23
N ARG A 362 -44.16 14.17 0.24
CA ARG A 362 -44.74 12.86 0.46
C ARG A 362 -43.75 11.89 1.13
N TRP A 363 -42.48 12.03 0.78
CA TRP A 363 -41.43 11.13 1.29
C TRP A 363 -41.16 11.44 2.75
N VAL A 364 -41.08 12.73 3.06
CA VAL A 364 -40.98 13.20 4.43
C VAL A 364 -42.20 12.75 5.22
N ARG A 365 -43.38 12.92 4.65
CA ARG A 365 -44.61 12.47 5.32
C ARG A 365 -44.55 10.96 5.65
N PHE A 366 -44.18 10.16 4.66
CA PHE A 366 -44.06 8.71 4.85
C PHE A 366 -43.20 8.38 6.07
N GLY A 367 -42.04 9.00 6.14
CA GLY A 367 -41.09 8.75 7.23
C GLY A 367 -41.62 9.13 8.60
N ARG A 368 -42.46 10.16 8.66
CA ARG A 368 -43.08 10.60 9.92
C ARG A 368 -44.28 9.75 10.32
N GLN A 369 -44.96 9.12 9.36
CA GLN A 369 -46.01 8.17 9.69
C GLN A 369 -45.42 6.82 10.13
N ILE A 370 -44.15 6.83 10.55
CA ILE A 370 -43.46 5.66 11.13
C ILE A 370 -43.23 4.61 10.05
N VAL B 24 1.48 21.49 5.77
CA VAL B 24 0.41 20.75 6.52
C VAL B 24 0.49 19.22 6.26
N PRO B 25 1.47 18.53 6.86
CA PRO B 25 1.70 17.10 6.55
C PRO B 25 0.66 16.18 7.17
N SER B 26 0.16 15.22 6.40
CA SER B 26 -0.85 14.29 6.89
C SER B 26 -0.75 13.01 6.08
N TRP B 27 -1.41 11.95 6.56
CA TRP B 27 -1.47 10.70 5.82
C TRP B 27 -2.12 10.84 4.44
N PRO B 28 -3.31 11.47 4.34
CA PRO B 28 -3.88 11.60 3.01
C PRO B 28 -2.98 12.33 2.01
N GLN B 29 -2.29 13.37 2.46
CA GLN B 29 -1.38 14.07 1.57
C GLN B 29 -0.23 13.20 1.08
N ILE B 30 0.48 12.59 2.03
CA ILE B 30 1.67 11.79 1.74
C ILE B 30 1.31 10.50 0.97
N LEU B 31 0.30 9.77 1.44
CA LEU B 31 -0.13 8.57 0.73
C LEU B 31 -0.69 8.88 -0.66
N GLY B 32 -1.41 9.99 -0.76
CA GLY B 32 -1.95 10.47 -2.03
C GLY B 32 -0.86 10.77 -3.02
N ARG B 33 0.22 11.39 -2.56
CA ARG B 33 1.37 11.68 -3.42
C ARG B 33 2.04 10.41 -3.94
N LEU B 34 2.26 9.44 -3.05
CA LEU B 34 2.83 8.16 -3.43
C LEU B 34 1.95 7.38 -4.39
N THR B 35 0.63 7.34 -4.15
CA THR B 35 -0.25 6.59 -5.08
C THR B 35 -0.34 7.27 -6.42
N ASP B 36 -0.07 8.58 -6.48
CA ASP B 36 0.09 9.32 -7.76
C ASP B 36 1.45 9.04 -8.42
N ASN B 37 2.23 8.14 -7.83
CA ASN B 37 3.57 7.84 -8.30
C ASN B 37 4.54 9.01 -8.30
N ARG B 38 4.47 9.81 -7.27
CA ARG B 38 5.34 10.96 -7.16
C ARG B 38 6.31 10.77 -5.99
N ASP B 39 7.53 11.22 -6.19
CA ASP B 39 8.47 11.34 -5.09
C ASP B 39 7.91 12.30 -4.07
N LEU B 40 8.21 12.04 -2.81
CA LEU B 40 7.76 12.90 -1.73
C LEU B 40 8.51 14.22 -1.71
N ALA B 41 7.91 15.22 -1.08
CA ALA B 41 8.62 16.47 -0.76
C ALA B 41 9.57 16.20 0.38
N ARG B 42 10.62 17.00 0.48
CA ARG B 42 11.59 16.87 1.55
C ARG B 42 10.84 16.97 2.87
N GLY B 43 11.15 16.06 3.79
CA GLY B 43 10.56 16.08 5.14
C GLY B 43 9.33 15.22 5.33
N GLN B 44 8.67 14.82 4.24
CA GLN B 44 7.45 14.05 4.39
C GLN B 44 7.73 12.63 4.92
N ALA B 45 8.77 11.98 4.42
CA ALA B 45 9.10 10.64 4.89
C ALA B 45 9.52 10.69 6.37
N ALA B 46 10.27 11.74 6.74
CA ALA B 46 10.64 11.97 8.15
C ALA B 46 9.41 12.12 9.05
N TRP B 47 8.41 12.88 8.58
CA TRP B 47 7.17 13.04 9.36
C TRP B 47 6.51 11.67 9.54
N ALA B 48 6.40 10.90 8.46
CA ALA B 48 5.79 9.58 8.53
C ALA B 48 6.53 8.71 9.54
N MET B 49 7.85 8.72 9.48
CA MET B 49 8.64 7.89 10.37
C MET B 49 8.54 8.34 11.83
N ASP B 50 8.45 9.66 12.07
CA ASP B 50 8.17 10.22 13.42
C ASP B 50 6.88 9.65 13.99
N GLN B 51 5.82 9.67 13.18
CA GLN B 51 4.54 9.09 13.60
C GLN B 51 4.73 7.60 13.96
N ILE B 52 5.43 6.88 13.10
CA ILE B 52 5.61 5.44 13.27
C ILE B 52 6.39 5.12 14.55
N MET B 53 7.46 5.87 14.80
CA MET B 53 8.35 5.57 15.91
C MET B 53 7.82 6.04 17.24
N THR B 54 6.84 6.95 17.25
CA THR B 54 6.24 7.40 18.50
C THR B 54 4.97 6.64 18.90
N GLY B 55 4.58 5.63 18.13
CA GLY B 55 3.33 4.92 18.39
C GLY B 55 2.09 5.68 17.95
N ASN B 56 2.25 6.74 17.17
CA ASN B 56 1.11 7.53 16.73
C ASN B 56 0.53 7.14 15.37
N ALA B 57 1.16 6.23 14.67
CA ALA B 57 0.64 5.75 13.40
C ALA B 57 -0.16 4.48 13.65
N ARG B 58 -1.39 4.43 13.15
CA ARG B 58 -2.20 3.22 13.23
C ARG B 58 -1.56 2.18 12.33
N PRO B 59 -1.69 0.89 12.68
CA PRO B 59 -1.21 -0.17 11.80
C PRO B 59 -1.60 0.02 10.31
N ALA B 60 -2.83 0.46 10.04
CA ALA B 60 -3.27 0.64 8.65
C ALA B 60 -2.46 1.73 7.93
N GLN B 61 -2.13 2.78 8.66
CA GLN B 61 -1.31 3.87 8.14
C GLN B 61 0.10 3.39 7.90
N ILE B 62 0.64 2.62 8.83
CA ILE B 62 1.98 2.10 8.67
C ILE B 62 2.05 1.22 7.41
N ALA B 63 1.09 0.29 7.29
CA ALA B 63 1.02 -0.62 6.15
C ALA B 63 0.83 0.12 4.83
N ALA B 64 -0.08 1.09 4.80
CA ALA B 64 -0.32 1.86 3.58
C ALA B 64 0.95 2.59 3.12
N PHE B 65 1.65 3.20 4.07
CA PHE B 65 2.90 3.89 3.78
C PHE B 65 3.98 2.94 3.23
N ALA B 66 4.18 1.83 3.92
CA ALA B 66 5.21 0.86 3.52
C ALA B 66 4.96 0.37 2.10
N VAL B 67 3.72 0.02 1.80
CA VAL B 67 3.37 -0.48 0.49
C VAL B 67 3.46 0.59 -0.59
N ALA B 68 2.93 1.78 -0.29
CA ALA B 68 2.89 2.83 -1.30
C ALA B 68 4.30 3.29 -1.65
N MET B 69 5.16 3.39 -0.65
CA MET B 69 6.56 3.78 -0.84
C MET B 69 7.26 2.73 -1.72
N THR B 70 6.97 1.47 -1.47
CA THR B 70 7.53 0.38 -2.25
C THR B 70 7.13 0.40 -3.72
N MET B 71 5.84 0.54 -4.00
CA MET B 71 5.36 0.50 -5.36
C MET B 71 5.68 1.77 -6.16
N LYS B 72 5.80 2.90 -5.50
CA LYS B 72 6.23 4.13 -6.18
C LYS B 72 7.72 3.97 -6.57
N ALA B 73 8.52 3.46 -5.65
CA ALA B 73 9.97 3.21 -5.83
C ALA B 73 10.67 4.29 -5.02
N PRO B 74 11.18 3.92 -3.85
CA PRO B 74 11.72 4.89 -2.93
C PRO B 74 13.02 5.51 -3.46
N THR B 75 13.27 6.75 -3.08
CA THR B 75 14.55 7.37 -3.39
C THR B 75 15.48 7.32 -2.19
N ALA B 76 16.77 7.52 -2.43
CA ALA B 76 17.76 7.54 -1.37
C ALA B 76 17.47 8.64 -0.34
N ASP B 77 17.02 9.81 -0.80
CA ASP B 77 16.65 10.85 0.15
C ASP B 77 15.51 10.42 1.04
N GLU B 78 14.51 9.75 0.48
CA GLU B 78 13.36 9.30 1.26
C GLU B 78 13.79 8.28 2.32
N VAL B 79 14.58 7.30 1.88
CA VAL B 79 15.02 6.23 2.78
C VAL B 79 15.98 6.79 3.81
N GLY B 80 16.81 7.74 3.41
CA GLY B 80 17.65 8.47 4.37
C GLY B 80 16.86 9.17 5.47
N GLU B 81 15.71 9.73 5.13
CA GLU B 81 14.85 10.32 6.17
C GLU B 81 14.31 9.26 7.11
N LEU B 82 13.81 8.16 6.56
CA LEU B 82 13.36 7.05 7.40
C LEU B 82 14.46 6.58 8.37
N ALA B 83 15.65 6.33 7.84
CA ALA B 83 16.72 5.76 8.66
C ALA B 83 17.24 6.76 9.70
N GLY B 84 17.31 8.04 9.32
CA GLY B 84 17.78 9.06 10.25
C GLY B 84 16.84 9.26 11.43
N VAL B 85 15.55 9.26 11.16
CA VAL B 85 14.57 9.31 12.25
C VAL B 85 14.64 8.05 13.11
N MET B 86 14.73 6.88 12.50
CA MET B 86 14.85 5.62 13.24
C MET B 86 16.06 5.63 14.17
N LEU B 87 17.22 5.99 13.63
CA LEU B 87 18.47 6.10 14.41
C LEU B 87 18.34 7.06 15.58
N SER B 88 17.58 8.14 15.42
CA SER B 88 17.43 9.12 16.51
C SER B 88 16.70 8.52 17.72
N HIS B 89 15.90 7.49 17.49
CA HIS B 89 15.23 6.75 18.58
C HIS B 89 15.97 5.53 19.10
N ALA B 90 17.08 5.15 18.48
CA ALA B 90 17.83 3.97 18.87
C ALA B 90 18.67 4.22 20.10
N HIS B 91 18.98 3.18 20.88
CA HIS B 91 19.98 3.35 21.96
C HIS B 91 21.36 3.45 21.32
N PRO B 92 22.12 4.50 21.62
CA PRO B 92 23.47 4.58 21.10
C PRO B 92 24.47 3.83 21.99
N LEU B 93 25.63 3.53 21.45
CA LEU B 93 26.73 3.04 22.27
C LEU B 93 27.33 4.22 23.04
N PRO B 94 27.96 3.95 24.19
CA PRO B 94 28.53 5.05 24.96
C PRO B 94 29.60 5.81 24.16
N ALA B 95 29.81 7.09 24.48
CA ALA B 95 30.81 7.91 23.78
C ALA B 95 32.19 7.28 23.76
N ASP B 96 32.88 7.42 22.62
CA ASP B 96 34.27 6.97 22.44
C ASP B 96 34.53 5.46 22.57
N THR B 97 33.53 4.65 22.22
CA THR B 97 33.65 3.20 22.35
C THR B 97 33.70 2.45 21.01
N VAL B 98 33.39 3.14 19.93
CA VAL B 98 33.38 2.49 18.63
C VAL B 98 34.59 2.99 17.89
N PRO B 99 35.49 2.09 17.46
CA PRO B 99 36.63 2.58 16.72
C PRO B 99 36.21 3.34 15.47
N ASP B 100 37.05 4.29 15.08
CA ASP B 100 36.77 5.11 13.92
C ASP B 100 36.62 4.31 12.64
N ASP B 101 37.29 3.15 12.60
CA ASP B 101 37.35 2.29 11.43
C ASP B 101 36.59 0.97 11.62
N ALA B 102 35.52 0.97 12.40
CA ALA B 102 34.72 -0.25 12.59
C ALA B 102 33.91 -0.56 11.34
N VAL B 103 33.65 -1.83 11.09
CA VAL B 103 32.88 -2.27 9.93
C VAL B 103 31.70 -3.13 10.34
N ASP B 104 30.67 -3.15 9.51
CA ASP B 104 29.49 -4.03 9.70
C ASP B 104 29.50 -5.03 8.54
N VAL B 105 28.91 -6.18 8.75
CA VAL B 105 28.68 -7.18 7.71
C VAL B 105 27.29 -7.73 7.96
N VAL B 106 26.37 -7.41 7.07
CA VAL B 106 24.94 -7.64 7.35
C VAL B 106 24.18 -7.45 6.07
N GLY B 107 23.07 -8.16 5.89
CA GLY B 107 22.20 -7.91 4.74
C GLY B 107 20.74 -7.80 5.12
N THR B 108 19.91 -7.55 4.12
CA THR B 108 18.47 -7.45 4.31
C THR B 108 17.86 -8.78 4.74
N GLY B 109 18.51 -9.88 4.37
CA GLY B 109 17.85 -11.17 4.36
C GLY B 109 16.78 -11.15 3.29
N GLY B 110 15.87 -12.12 3.34
CA GLY B 110 14.77 -12.17 2.38
C GLY B 110 15.14 -12.70 1.00
N ASP B 111 16.28 -13.36 0.87
CA ASP B 111 16.67 -13.87 -0.45
C ASP B 111 16.00 -15.20 -0.76
N GLY B 112 15.33 -15.78 0.23
CA GLY B 112 14.55 -17.01 0.04
C GLY B 112 15.36 -18.22 -0.38
N VAL B 113 16.68 -18.19 -0.18
CA VAL B 113 17.54 -19.32 -0.55
C VAL B 113 17.93 -20.21 0.64
N ASN B 114 17.85 -19.72 1.87
CA ASN B 114 18.22 -20.54 3.04
C ASN B 114 19.65 -21.12 2.97
N THR B 115 20.62 -20.25 3.16
CA THR B 115 22.02 -20.63 3.15
C THR B 115 22.51 -20.71 4.59
N VAL B 116 23.72 -21.24 4.74
CA VAL B 116 24.47 -21.02 5.98
C VAL B 116 24.63 -19.50 6.20
N ASN B 117 25.03 -19.12 7.42
CA ASN B 117 25.04 -17.71 7.82
C ASN B 117 26.34 -17.04 7.38
N LEU B 118 26.36 -16.67 6.10
CA LEU B 118 27.56 -16.18 5.47
C LEU B 118 28.04 -14.86 6.07
N SER B 119 27.12 -13.93 6.35
CA SER B 119 27.54 -12.64 6.93
C SER B 119 28.13 -12.81 8.32
N THR B 120 27.51 -13.68 9.12
CA THR B 120 28.00 -13.94 10.46
C THR B 120 29.38 -14.59 10.49
N MET B 121 29.58 -15.59 9.65
CA MET B 121 30.88 -16.23 9.54
C MET B 121 31.94 -15.25 9.04
N ALA B 122 31.61 -14.45 8.03
CA ALA B 122 32.53 -13.49 7.50
C ALA B 122 32.89 -12.48 8.57
N ALA B 123 31.90 -12.06 9.37
CA ALA B 123 32.16 -11.08 10.44
C ALA B 123 33.22 -11.57 11.41
N ILE B 124 33.13 -12.84 11.78
CA ILE B 124 34.08 -13.43 12.73
C ILE B 124 35.50 -13.42 12.14
N VAL B 125 35.62 -13.79 10.87
CA VAL B 125 36.89 -13.82 10.17
C VAL B 125 37.50 -12.43 10.04
N VAL B 126 36.67 -11.46 9.67
CA VAL B 126 37.08 -10.09 9.54
C VAL B 126 37.63 -9.55 10.87
N ALA B 127 36.89 -9.80 11.96
CA ALA B 127 37.33 -9.36 13.27
C ALA B 127 38.66 -10.04 13.63
N ALA B 128 38.79 -11.30 13.27
CA ALA B 128 40.01 -12.04 13.57
C ALA B 128 41.17 -11.54 12.73
N ALA B 129 40.89 -10.97 11.56
CA ALA B 129 41.91 -10.31 10.76
C ALA B 129 42.38 -8.94 11.31
N GLY B 130 41.79 -8.48 12.41
CA GLY B 130 42.25 -7.25 13.05
C GLY B 130 41.37 -6.06 12.76
N VAL B 131 40.25 -6.26 12.09
CA VAL B 131 39.35 -5.16 11.75
C VAL B 131 38.24 -5.17 12.79
N PRO B 132 38.01 -4.05 13.50
CA PRO B 132 36.94 -4.07 14.47
C PRO B 132 35.60 -4.21 13.80
N VAL B 133 34.77 -5.10 14.32
CA VAL B 133 33.47 -5.38 13.72
C VAL B 133 32.42 -5.07 14.74
N VAL B 134 31.50 -4.18 14.37
CA VAL B 134 30.32 -4.02 15.19
C VAL B 134 29.11 -4.39 14.33
N LYS B 135 28.61 -5.60 14.55
CA LYS B 135 27.64 -6.20 13.67
C LYS B 135 26.20 -5.97 14.16
N HIS B 136 25.35 -5.58 13.21
CA HIS B 136 23.92 -5.40 13.49
C HIS B 136 23.30 -6.66 12.94
N GLY B 137 22.24 -7.10 13.58
CA GLY B 137 21.57 -8.30 13.12
C GLY B 137 20.29 -8.60 13.87
N ASN B 138 19.68 -9.72 13.51
CA ASN B 138 18.39 -10.10 14.08
C ASN B 138 18.21 -11.58 13.86
N ARG B 139 17.17 -12.15 14.43
CA ARG B 139 16.79 -13.53 14.15
C ARG B 139 16.29 -13.69 12.71
N ALA B 140 16.09 -14.94 12.29
CA ALA B 140 15.51 -15.20 10.97
C ALA B 140 14.10 -14.63 10.89
N ALA B 141 13.72 -14.20 9.69
CA ALA B 141 12.35 -13.82 9.39
C ALA B 141 11.69 -14.93 8.53
N SER B 142 12.39 -15.42 7.50
CA SER B 142 11.86 -16.54 6.68
C SER B 142 12.81 -17.75 6.61
N SER B 143 14.11 -17.52 6.75
CA SER B 143 15.07 -18.60 6.75
C SER B 143 14.94 -19.45 8.04
N LEU B 144 15.59 -20.60 8.05
CA LEU B 144 15.54 -21.51 9.20
C LEU B 144 16.31 -20.99 10.41
N SER B 145 17.44 -20.32 10.19
CA SER B 145 18.24 -19.78 11.28
C SER B 145 18.97 -18.52 10.83
N GLY B 146 18.67 -17.38 11.45
CA GLY B 146 19.34 -16.13 11.13
C GLY B 146 20.66 -15.96 11.89
N GLY B 147 21.35 -14.86 11.64
CA GLY B 147 22.65 -14.64 12.27
C GLY B 147 22.56 -14.76 13.78
N ALA B 148 21.55 -14.09 14.33
CA ALA B 148 21.35 -14.05 15.77
C ALA B 148 21.10 -15.42 16.35
N ASP B 149 20.28 -16.22 15.67
CA ASP B 149 19.91 -17.57 16.11
C ASP B 149 21.16 -18.48 16.19
N THR B 150 22.00 -18.37 15.17
CA THR B 150 23.17 -19.22 15.04
C THR B 150 24.21 -18.81 16.08
N LEU B 151 24.35 -17.51 16.31
CA LEU B 151 25.24 -17.02 17.36
C LEU B 151 24.84 -17.58 18.72
N GLU B 152 23.55 -17.48 19.01
CA GLU B 152 23.01 -18.05 20.24
C GLU B 152 23.35 -19.55 20.35
N ALA B 153 23.12 -20.30 19.29
CA ALA B 153 23.49 -21.74 19.29
C ALA B 153 24.99 -21.98 19.52
N LEU B 154 25.84 -21.02 19.17
CA LEU B 154 27.27 -21.16 19.39
C LEU B 154 27.69 -20.80 20.81
N GLY B 155 26.75 -20.29 21.61
CA GLY B 155 27.03 -19.89 22.99
C GLY B 155 27.32 -18.40 23.14
N VAL B 156 27.18 -17.63 22.07
CA VAL B 156 27.41 -16.19 22.11
C VAL B 156 26.17 -15.48 22.64
N ARG B 157 26.37 -14.56 23.59
CA ARG B 157 25.27 -13.79 24.18
C ARG B 157 24.86 -12.69 23.23
N ILE B 158 23.64 -12.78 22.72
CA ILE B 158 23.17 -11.83 21.72
C ILE B 158 22.39 -10.67 22.35
N ASP B 159 21.98 -10.82 23.61
CA ASP B 159 21.08 -9.92 24.30
C ASP B 159 21.73 -8.74 25.03
N LEU B 160 22.88 -8.24 24.57
CA LEU B 160 23.64 -7.27 25.37
C LEU B 160 23.26 -5.83 25.08
N GLY B 161 23.22 -5.03 26.14
CA GLY B 161 22.95 -3.60 26.00
C GLY B 161 24.19 -2.84 25.56
N PRO B 162 24.06 -1.51 25.36
CA PRO B 162 25.13 -0.63 24.84
C PRO B 162 26.46 -0.75 25.58
N ASP B 163 26.45 -0.71 26.91
CA ASP B 163 27.72 -0.74 27.66
C ASP B 163 28.46 -2.06 27.39
N LEU B 164 27.74 -3.17 27.35
CA LEU B 164 28.38 -4.48 27.18
C LEU B 164 28.81 -4.77 25.75
N VAL B 165 28.06 -4.31 24.74
CA VAL B 165 28.53 -4.43 23.36
C VAL B 165 29.82 -3.64 23.21
N ALA B 166 29.86 -2.44 23.78
CA ALA B 166 31.06 -1.64 23.77
C ALA B 166 32.26 -2.37 24.38
N ARG B 167 32.05 -3.01 25.53
CA ARG B 167 33.09 -3.79 26.21
C ARG B 167 33.53 -4.98 25.37
N SER B 168 32.56 -5.63 24.72
CA SER B 168 32.86 -6.74 23.84
C SER B 168 33.77 -6.29 22.72
N LEU B 169 33.40 -5.19 22.08
CA LEU B 169 34.21 -4.65 21.00
C LEU B 169 35.65 -4.39 21.47
N ALA B 170 35.82 -3.76 22.64
CA ALA B 170 37.15 -3.48 23.16
C ALA B 170 37.92 -4.74 23.56
N GLU B 171 37.26 -5.70 24.19
CA GLU B 171 37.98 -6.84 24.76
C GLU B 171 38.15 -7.99 23.79
N VAL B 172 37.20 -8.16 22.87
CA VAL B 172 37.21 -9.28 21.94
C VAL B 172 37.57 -8.87 20.49
N GLY B 173 37.25 -7.65 20.10
CA GLY B 173 37.40 -7.20 18.70
C GLY B 173 36.11 -7.25 17.88
N ILE B 174 35.01 -7.65 18.50
CA ILE B 174 33.72 -7.76 17.84
C ILE B 174 32.60 -7.54 18.87
N GLY B 175 31.51 -6.94 18.40
CA GLY B 175 30.29 -6.85 19.19
C GLY B 175 29.10 -7.05 18.28
N PHE B 176 27.99 -7.46 18.87
CA PHE B 176 26.74 -7.68 18.16
C PHE B 176 25.63 -6.86 18.78
N CYS B 177 25.04 -5.97 17.97
CA CYS B 177 23.85 -5.22 18.38
C CYS B 177 22.60 -5.94 17.91
N PHE B 178 21.84 -6.51 18.84
CA PHE B 178 20.60 -7.22 18.51
C PHE B 178 19.51 -6.18 18.30
N ALA B 179 19.01 -6.10 17.07
CA ALA B 179 18.14 -5.00 16.68
C ALA B 179 16.97 -4.74 17.65
N PRO B 180 16.25 -5.78 18.11
CA PRO B 180 15.15 -5.49 19.05
C PRO B 180 15.58 -4.83 20.37
N ARG B 181 16.81 -5.11 20.80
CA ARG B 181 17.35 -4.52 22.03
C ARG B 181 17.65 -3.02 21.82
N PHE B 182 18.08 -2.67 20.62
CA PHE B 182 18.53 -1.30 20.32
C PHE B 182 17.48 -0.38 19.70
N HIS B 183 16.45 -0.97 19.10
CA HIS B 183 15.37 -0.22 18.42
C HIS B 183 13.97 -0.55 18.96
N PRO B 184 13.76 -0.40 20.28
CA PRO B 184 12.47 -0.77 20.86
C PRO B 184 11.29 -0.04 20.22
N SER B 185 11.49 1.22 19.83
CA SER B 185 10.43 2.04 19.29
C SER B 185 9.99 1.68 17.87
N TYR B 186 10.72 0.76 17.23
CA TYR B 186 10.39 0.23 15.92
C TYR B 186 9.39 -0.92 16.00
N ARG B 187 8.99 -1.28 17.20
CA ARG B 187 8.16 -2.46 17.37
C ARG B 187 6.82 -2.38 16.62
N HIS B 188 6.27 -1.20 16.42
CA HIS B 188 4.98 -1.04 15.72
C HIS B 188 5.15 -1.36 14.24
N ALA B 189 6.25 -0.87 13.66
CA ALA B 189 6.56 -1.15 12.28
C ALA B 189 6.90 -2.62 12.07
N ALA B 190 7.69 -3.18 12.98
CA ALA B 190 8.10 -4.58 12.90
C ALA B 190 6.89 -5.50 12.91
N ALA B 191 5.92 -5.20 13.77
CA ALA B 191 4.70 -6.01 13.80
C ALA B 191 3.94 -5.93 12.47
N VAL B 192 3.83 -4.74 11.89
CA VAL B 192 3.14 -4.56 10.61
C VAL B 192 3.87 -5.34 9.51
N ARG B 193 5.19 -5.28 9.52
CA ARG B 193 5.99 -6.05 8.57
C ARG B 193 5.64 -7.54 8.63
N ARG B 194 5.50 -8.10 9.83
CA ARG B 194 5.16 -9.51 9.97
C ARG B 194 3.73 -9.81 9.54
N GLU B 195 2.82 -8.88 9.79
CA GLU B 195 1.43 -9.07 9.44
C GLU B 195 1.20 -9.12 7.93
N ILE B 196 1.89 -8.26 7.19
CA ILE B 196 1.65 -8.19 5.76
C ILE B 196 2.51 -9.19 4.98
N GLY B 197 3.65 -9.58 5.55
CA GLY B 197 4.49 -10.62 4.93
C GLY B 197 5.31 -10.11 3.76
N VAL B 198 4.70 -9.35 2.86
CA VAL B 198 5.38 -8.88 1.65
C VAL B 198 6.58 -7.98 2.00
N PRO B 199 7.73 -8.15 1.31
CA PRO B 199 8.84 -7.20 1.44
C PRO B 199 8.45 -5.78 1.04
N THR B 200 8.90 -4.79 1.81
CA THR B 200 8.73 -3.38 1.50
C THR B 200 10.04 -2.65 1.72
N VAL B 201 9.99 -1.34 1.47
CA VAL B 201 11.09 -0.44 1.82
C VAL B 201 11.59 -0.63 3.27
N PHE B 202 10.71 -1.03 4.19
CA PHE B 202 11.13 -1.27 5.56
C PHE B 202 12.17 -2.39 5.71
N ASN B 203 12.18 -3.34 4.77
CA ASN B 203 13.19 -4.40 4.79
C ASN B 203 14.60 -3.84 4.59
N LEU B 204 14.72 -2.63 4.05
CA LEU B 204 16.03 -1.97 3.91
C LEU B 204 16.56 -1.38 5.23
N LEU B 205 15.72 -1.21 6.24
CA LEU B 205 16.09 -0.33 7.36
C LEU B 205 17.09 -0.94 8.34
N GLY B 206 17.07 -2.25 8.51
CA GLY B 206 18.00 -2.93 9.44
C GLY B 206 19.45 -2.60 9.13
N PRO B 207 19.88 -2.93 7.93
CA PRO B 207 21.24 -2.65 7.53
C PRO B 207 21.62 -1.16 7.57
N LEU B 208 20.63 -0.28 7.44
CA LEU B 208 20.87 1.17 7.43
C LEU B 208 20.86 1.82 8.81
N THR B 209 20.56 1.04 9.85
CA THR B 209 20.36 1.62 11.18
C THR B 209 21.17 0.93 12.29
N ASN B 210 22.37 0.48 11.95
CA ASN B 210 23.29 -0.05 12.97
C ASN B 210 23.51 1.04 14.00
N PRO B 211 23.17 0.75 15.27
CA PRO B 211 23.20 1.84 16.26
C PRO B 211 24.61 2.31 16.62
N ALA B 212 25.64 1.54 16.29
CA ALA B 212 27.02 1.94 16.53
C ALA B 212 27.55 2.81 15.40
N ARG B 213 26.81 2.92 14.31
CA ARG B 213 27.18 3.77 13.16
C ARG B 213 28.61 3.53 12.65
N PRO B 214 29.00 2.28 12.44
CA PRO B 214 30.31 2.09 11.81
C PRO B 214 30.31 2.76 10.45
N ARG B 215 31.47 3.24 10.03
CA ARG B 215 31.57 4.03 8.79
C ARG B 215 31.89 3.17 7.56
N ALA B 216 32.17 1.88 7.78
CA ALA B 216 32.36 0.96 6.68
C ALA B 216 31.46 -0.27 6.82
N GLY B 217 31.23 -0.94 5.70
CA GLY B 217 30.45 -2.17 5.70
C GLY B 217 30.38 -2.92 4.38
N LEU B 218 30.08 -4.21 4.49
CA LEU B 218 29.67 -5.05 3.39
C LEU B 218 28.21 -5.35 3.65
N ILE B 219 27.36 -4.80 2.79
CA ILE B 219 25.91 -4.79 3.02
C ILE B 219 25.20 -5.56 1.92
N GLY B 220 24.55 -6.65 2.28
CA GLY B 220 23.86 -7.47 1.29
C GLY B 220 22.44 -6.97 1.06
N CYS B 221 22.00 -7.03 -0.20
CA CYS B 221 20.62 -6.65 -0.52
C CYS B 221 19.99 -7.73 -1.40
N ALA B 222 18.92 -8.35 -0.90
CA ALA B 222 18.19 -9.39 -1.63
C ALA B 222 17.36 -8.85 -2.79
N PHE B 223 17.13 -7.54 -2.81
CA PHE B 223 16.21 -6.91 -3.79
C PHE B 223 17.04 -6.06 -4.72
N ALA B 224 17.30 -6.58 -5.91
CA ALA B 224 18.18 -5.95 -6.89
C ALA B 224 17.78 -4.52 -7.21
N ASP B 225 16.49 -4.26 -7.24
CA ASP B 225 15.94 -2.95 -7.58
C ASP B 225 16.02 -1.92 -6.44
N LEU B 226 16.42 -2.36 -5.24
CA LEU B 226 16.56 -1.47 -4.09
C LEU B 226 18.00 -1.23 -3.66
N ALA B 227 18.93 -2.03 -4.22
CA ALA B 227 20.32 -1.99 -3.80
C ALA B 227 20.94 -0.62 -4.03
N GLU B 228 20.57 0.01 -5.15
CA GLU B 228 21.06 1.33 -5.50
C GLU B 228 20.60 2.40 -4.50
N VAL B 229 19.37 2.31 -4.05
CA VAL B 229 18.85 3.23 -3.03
C VAL B 229 19.66 3.10 -1.73
N MET B 230 19.95 1.87 -1.31
CA MET B 230 20.69 1.66 -0.05
C MET B 230 22.09 2.24 -0.21
N ALA B 231 22.69 2.01 -1.38
CA ALA B 231 23.98 2.62 -1.69
C ALA B 231 23.95 4.12 -1.55
N GLY B 232 22.92 4.76 -2.11
CA GLY B 232 22.77 6.22 -2.03
C GLY B 232 22.70 6.73 -0.60
N VAL B 233 22.04 5.98 0.29
CA VAL B 233 21.93 6.41 1.67
C VAL B 233 23.33 6.38 2.32
N PHE B 234 24.10 5.32 2.07
CA PHE B 234 25.50 5.24 2.55
C PHE B 234 26.37 6.32 1.91
N ALA B 235 26.13 6.63 0.64
CA ALA B 235 26.89 7.69 -0.03
C ALA B 235 26.65 9.05 0.65
N ALA B 236 25.39 9.36 0.97
CA ALA B 236 25.08 10.62 1.67
C ALA B 236 25.76 10.72 3.06
N ARG B 237 26.04 9.58 3.67
CA ARG B 237 26.78 9.52 4.93
C ARG B 237 28.29 9.53 4.79
N ARG B 238 28.77 9.44 3.55
CA ARG B 238 30.20 9.27 3.28
C ARG B 238 30.81 8.05 3.93
N SER B 239 30.05 6.96 3.90
CA SER B 239 30.54 5.68 4.37
C SER B 239 31.35 5.02 3.28
N SER B 240 32.25 4.11 3.67
CA SER B 240 32.93 3.26 2.71
C SER B 240 32.25 1.90 2.71
N VAL B 241 31.42 1.66 1.69
CA VAL B 241 30.56 0.47 1.69
C VAL B 241 30.54 -0.19 0.31
N LEU B 242 30.45 -1.52 0.32
CA LEU B 242 30.06 -2.29 -0.85
C LEU B 242 28.68 -2.83 -0.57
N VAL B 243 27.68 -2.37 -1.32
CA VAL B 243 26.35 -2.97 -1.29
C VAL B 243 26.35 -4.08 -2.35
N VAL B 244 25.98 -5.30 -1.96
CA VAL B 244 26.15 -6.45 -2.85
C VAL B 244 24.86 -7.24 -3.06
N HIS B 245 24.72 -7.81 -4.26
CA HIS B 245 23.61 -8.69 -4.60
C HIS B 245 24.18 -9.72 -5.56
N GLY B 246 24.19 -10.98 -5.15
CA GLY B 246 24.62 -12.04 -6.04
C GLY B 246 23.64 -12.13 -7.19
N ASP B 247 24.14 -12.36 -8.40
CA ASP B 247 23.24 -12.44 -9.56
C ASP B 247 22.44 -13.75 -9.56
N ASP B 248 22.64 -14.57 -8.52
CA ASP B 248 21.78 -15.73 -8.25
C ASP B 248 20.68 -15.42 -7.23
N GLY B 249 20.59 -14.15 -6.82
CA GLY B 249 19.60 -13.72 -5.83
C GLY B 249 20.10 -13.60 -4.40
N LEU B 250 21.32 -14.06 -4.10
CA LEU B 250 21.84 -13.98 -2.72
C LEU B 250 22.06 -12.53 -2.27
N ASP B 251 21.70 -12.25 -1.01
CA ASP B 251 22.09 -10.99 -0.36
C ASP B 251 23.50 -11.10 0.22
N GLU B 252 24.41 -11.67 -0.56
CA GLU B 252 25.82 -11.88 -0.19
C GLU B 252 26.61 -11.89 -1.50
N LEU B 253 27.93 -11.78 -1.40
CA LEU B 253 28.75 -12.04 -2.56
C LEU B 253 28.66 -13.54 -2.76
N THR B 254 28.30 -13.96 -3.97
CA THR B 254 28.10 -15.37 -4.24
C THR B 254 29.33 -16.01 -4.91
N THR B 255 29.41 -17.32 -4.79
CA THR B 255 30.40 -18.11 -5.53
C THR B 255 29.76 -18.92 -6.67
N THR B 256 28.43 -18.85 -6.84
CA THR B 256 27.76 -19.62 -7.91
C THR B 256 27.73 -18.90 -9.26
N THR B 257 27.98 -17.60 -9.24
CA THR B 257 27.99 -16.79 -10.46
C THR B 257 28.54 -15.40 -10.12
N THR B 258 28.32 -14.42 -10.98
CA THR B 258 28.81 -13.07 -10.74
C THR B 258 27.93 -12.41 -9.70
N SER B 259 28.40 -11.28 -9.18
CA SER B 259 27.64 -10.43 -8.27
C SER B 259 27.60 -9.00 -8.79
N THR B 260 26.56 -8.25 -8.43
CA THR B 260 26.51 -6.81 -8.68
C THR B 260 26.96 -6.08 -7.41
N ILE B 261 27.91 -5.17 -7.55
CA ILE B 261 28.42 -4.39 -6.43
C ILE B 261 28.17 -2.93 -6.70
N TRP B 262 27.51 -2.26 -5.77
CA TRP B 262 27.44 -0.80 -5.78
C TRP B 262 28.51 -0.38 -4.80
N ARG B 263 29.61 0.13 -5.33
CA ARG B 263 30.73 0.61 -4.54
C ARG B 263 30.53 2.07 -4.09
N VAL B 264 30.52 2.30 -2.78
CA VAL B 264 30.34 3.65 -2.23
C VAL B 264 31.65 4.12 -1.65
N ALA B 265 32.14 5.22 -2.22
CA ALA B 265 33.40 5.82 -1.81
C ALA B 265 33.36 7.30 -2.12
N ALA B 266 33.95 8.11 -1.25
CA ALA B 266 34.02 9.55 -1.51
C ALA B 266 32.65 10.16 -1.79
N GLY B 267 31.61 9.63 -1.15
CA GLY B 267 30.25 10.14 -1.32
C GLY B 267 29.60 9.89 -2.68
N SER B 268 30.20 9.05 -3.52
CA SER B 268 29.61 8.69 -4.81
C SER B 268 29.48 7.18 -4.97
N VAL B 269 28.50 6.77 -5.78
CA VAL B 269 28.17 5.37 -6.00
C VAL B 269 28.60 4.95 -7.41
N ASP B 270 29.02 3.70 -7.51
CA ASP B 270 29.62 3.17 -8.71
C ASP B 270 29.21 1.71 -8.90
N LYS B 271 28.47 1.40 -9.96
CA LYS B 271 27.95 0.05 -10.16
C LYS B 271 28.93 -0.80 -10.96
N LEU B 272 29.18 -2.01 -10.47
CA LEU B 272 30.14 -2.96 -11.05
C LEU B 272 29.58 -4.38 -11.07
N THR B 273 30.03 -5.15 -12.05
CA THR B 273 29.79 -6.59 -12.09
C THR B 273 31.06 -7.23 -11.56
N PHE B 274 30.92 -8.18 -10.63
CA PHE B 274 32.06 -8.78 -9.97
C PHE B 274 32.09 -10.27 -10.26
N ASP B 275 33.25 -10.78 -10.68
CA ASP B 275 33.40 -12.23 -10.95
C ASP B 275 34.52 -12.85 -10.12
N PRO B 276 34.16 -13.72 -9.16
CA PRO B 276 35.17 -14.37 -8.31
C PRO B 276 36.14 -15.32 -9.03
N ALA B 277 35.75 -15.76 -10.25
CA ALA B 277 36.60 -16.60 -11.08
C ALA B 277 37.92 -15.91 -11.35
N GLY B 278 37.87 -14.59 -11.48
CA GLY B 278 39.11 -13.82 -11.66
C GLY B 278 40.12 -13.94 -10.54
N PHE B 279 39.68 -14.41 -9.36
CA PHE B 279 40.59 -14.67 -8.24
C PHE B 279 40.83 -16.16 -8.03
N GLY B 280 40.32 -16.99 -8.93
CA GLY B 280 40.57 -18.42 -8.87
C GLY B 280 39.50 -19.23 -8.16
N PHE B 281 38.38 -18.59 -7.79
CA PHE B 281 37.26 -19.32 -7.21
C PHE B 281 36.51 -20.16 -8.25
N ALA B 282 36.41 -21.46 -8.02
CA ALA B 282 35.58 -22.31 -8.86
C ALA B 282 34.11 -21.96 -8.66
N ARG B 283 33.30 -22.21 -9.67
CA ARG B 283 31.86 -21.97 -9.60
C ARG B 283 31.24 -23.02 -8.69
N ALA B 284 30.56 -22.58 -7.63
CA ALA B 284 29.87 -23.52 -6.75
C ALA B 284 28.39 -23.63 -7.16
N GLN B 285 27.67 -24.58 -6.56
CA GLN B 285 26.22 -24.69 -6.74
C GLN B 285 25.52 -24.21 -5.46
N LEU B 286 24.34 -23.62 -5.62
CA LEU B 286 23.60 -23.11 -4.47
C LEU B 286 23.40 -24.14 -3.37
N ASP B 287 23.09 -25.39 -3.73
CA ASP B 287 22.84 -26.41 -2.69
C ASP B 287 24.09 -26.71 -1.84
N GLN B 288 25.28 -26.40 -2.36
CA GLN B 288 26.50 -26.53 -1.59
C GLN B 288 26.59 -25.50 -0.44
N LEU B 289 25.81 -24.43 -0.53
CA LEU B 289 25.77 -23.41 0.53
C LEU B 289 24.54 -23.55 1.43
N ALA B 290 23.78 -24.63 1.28
CA ALA B 290 22.51 -24.79 1.98
C ALA B 290 22.67 -24.90 3.50
N GLY B 291 21.77 -24.25 4.23
CA GLY B 291 21.81 -24.29 5.69
C GLY B 291 20.72 -25.15 6.28
N GLY B 292 20.69 -25.23 7.61
CA GLY B 292 19.63 -25.92 8.33
C GLY B 292 19.20 -25.11 9.53
N ASP B 293 18.82 -25.81 10.59
CA ASP B 293 18.43 -25.13 11.83
C ASP B 293 19.66 -24.51 12.51
N ALA B 294 19.42 -23.81 13.62
CA ALA B 294 20.50 -23.13 14.34
C ALA B 294 21.66 -24.08 14.70
N GLN B 295 21.33 -25.29 15.10
CA GLN B 295 22.37 -26.27 15.46
C GLN B 295 23.23 -26.64 14.26
N ALA B 296 22.56 -26.91 13.14
CA ALA B 296 23.25 -27.29 11.91
C ALA B 296 24.17 -26.15 11.43
N ASN B 297 23.66 -24.94 11.49
CA ASN B 297 24.41 -23.78 11.05
C ASN B 297 25.54 -23.45 12.01
N ALA B 298 25.34 -23.74 13.30
CA ALA B 298 26.40 -23.58 14.27
C ALA B 298 27.57 -24.52 13.92
N ALA B 299 27.25 -25.78 13.59
CA ALA B 299 28.28 -26.74 13.19
C ALA B 299 29.01 -26.31 11.91
N ALA B 300 28.30 -25.67 10.99
CA ALA B 300 28.93 -25.15 9.78
C ALA B 300 29.94 -24.05 10.12
N VAL B 301 29.61 -23.20 11.09
CA VAL B 301 30.54 -22.16 11.54
C VAL B 301 31.78 -22.85 12.09
N ARG B 302 31.58 -23.81 12.98
CA ARG B 302 32.72 -24.50 13.59
C ARG B 302 33.61 -25.22 12.55
N ALA B 303 33.00 -25.81 11.53
CA ALA B 303 33.76 -26.49 10.48
C ALA B 303 34.66 -25.52 9.75
N VAL B 304 34.11 -24.36 9.38
CA VAL B 304 34.88 -23.40 8.61
C VAL B 304 36.02 -22.78 9.44
N LEU B 305 35.75 -22.44 10.69
CA LEU B 305 36.79 -21.84 11.53
C LEU B 305 37.88 -22.85 11.88
N GLY B 306 37.54 -24.13 11.77
CA GLY B 306 38.49 -25.22 12.04
C GLY B 306 39.36 -25.49 10.84
N GLY B 307 39.11 -24.77 9.75
CA GLY B 307 39.96 -24.83 8.56
C GLY B 307 39.49 -25.80 7.47
N ALA B 308 38.27 -26.30 7.54
CA ALA B 308 37.78 -27.22 6.50
C ALA B 308 37.71 -26.49 5.16
N ARG B 309 38.17 -27.16 4.10
CA ARG B 309 38.10 -26.58 2.75
C ARG B 309 36.75 -26.83 2.18
N GLY B 310 36.44 -26.12 1.11
CA GLY B 310 35.22 -26.38 0.38
C GLY B 310 34.45 -25.13 0.09
N PRO B 311 33.25 -25.31 -0.49
CA PRO B 311 32.45 -24.18 -0.96
C PRO B 311 32.03 -23.21 0.16
N VAL B 312 31.79 -23.70 1.37
CA VAL B 312 31.39 -22.77 2.44
C VAL B 312 32.55 -21.86 2.84
N ARG B 313 33.74 -22.41 3.07
CA ARG B 313 34.94 -21.60 3.28
C ARG B 313 35.15 -20.58 2.18
N ASP B 314 35.08 -21.04 0.93
CA ASP B 314 35.27 -20.13 -0.21
C ASP B 314 34.33 -18.93 -0.09
N ALA B 315 33.05 -19.17 0.19
CA ALA B 315 32.08 -18.07 0.25
C ALA B 315 32.33 -17.12 1.43
N VAL B 316 32.72 -17.70 2.57
CA VAL B 316 33.06 -16.93 3.76
C VAL B 316 34.26 -16.04 3.48
N VAL B 317 35.27 -16.60 2.83
CA VAL B 317 36.50 -15.90 2.56
C VAL B 317 36.26 -14.73 1.62
N LEU B 318 35.46 -14.99 0.60
CA LEU B 318 35.09 -13.98 -0.38
C LEU B 318 34.37 -12.81 0.30
N ASN B 319 33.41 -13.11 1.17
CA ASN B 319 32.66 -12.05 1.82
C ASN B 319 33.52 -11.33 2.87
N ALA B 320 34.31 -12.08 3.64
CA ALA B 320 35.27 -11.45 4.56
C ALA B 320 36.18 -10.45 3.81
N ALA B 321 36.72 -10.87 2.65
CA ALA B 321 37.57 -9.99 1.82
C ALA B 321 36.84 -8.72 1.41
N GLY B 322 35.61 -8.87 0.93
CA GLY B 322 34.74 -7.72 0.64
C GLY B 322 34.62 -6.70 1.75
N ALA B 323 34.45 -7.18 2.99
CA ALA B 323 34.36 -6.29 4.15
C ALA B 323 35.70 -5.62 4.40
N ILE B 324 36.77 -6.38 4.21
CA ILE B 324 38.09 -5.84 4.42
C ILE B 324 38.40 -4.78 3.38
N VAL B 325 37.94 -4.99 2.15
CA VAL B 325 38.08 -4.00 1.08
C VAL B 325 37.34 -2.71 1.43
N ALA B 326 36.13 -2.85 1.97
CA ALA B 326 35.33 -1.68 2.36
C ALA B 326 36.06 -0.91 3.46
N HIS B 327 36.59 -1.64 4.45
CA HIS B 327 37.40 -1.06 5.50
C HIS B 327 38.62 -0.29 4.97
N ALA B 328 39.31 -0.87 3.99
CA ALA B 328 40.46 -0.21 3.37
C ALA B 328 40.07 1.12 2.75
N GLY B 329 38.85 1.18 2.21
CA GLY B 329 38.35 2.36 1.53
C GLY B 329 38.16 3.60 2.42
N LEU B 330 38.26 3.41 3.73
CA LEU B 330 38.24 4.51 4.68
C LEU B 330 39.54 5.33 4.61
N SER B 331 40.62 4.71 4.14
CA SER B 331 41.93 5.36 3.93
C SER B 331 42.44 5.04 2.52
N SER B 332 41.63 5.39 1.52
CA SER B 332 41.73 4.78 0.20
C SER B 332 42.77 5.37 -0.75
N ARG B 333 43.96 4.78 -0.73
CA ARG B 333 44.75 4.71 -1.94
C ARG B 333 44.04 3.58 -2.68
N ALA B 334 44.31 2.35 -2.23
CA ALA B 334 43.49 1.18 -2.53
C ALA B 334 43.09 1.01 -3.99
N GLU B 335 43.98 0.49 -4.82
CA GLU B 335 43.56 -0.02 -6.12
C GLU B 335 42.69 -1.24 -5.83
N TRP B 336 41.65 -1.38 -6.63
CA TRP B 336 40.61 -2.37 -6.44
C TRP B 336 41.16 -3.80 -6.37
N LEU B 337 41.90 -4.21 -7.40
CA LEU B 337 42.37 -5.60 -7.49
C LEU B 337 43.37 -5.97 -6.39
N PRO B 338 44.35 -5.10 -6.12
CA PRO B 338 45.24 -5.38 -4.99
C PRO B 338 44.52 -5.41 -3.65
N ALA B 339 43.56 -4.51 -3.45
CA ALA B 339 42.78 -4.48 -2.23
C ALA B 339 42.09 -5.82 -2.01
N TRP B 340 41.49 -6.37 -3.06
CA TRP B 340 40.84 -7.67 -3.01
C TRP B 340 41.82 -8.80 -2.73
N GLU B 341 42.95 -8.78 -3.42
CA GLU B 341 44.00 -9.79 -3.20
C GLU B 341 44.44 -9.83 -1.73
N GLU B 342 44.74 -8.66 -1.16
CA GLU B 342 45.14 -8.56 0.25
C GLU B 342 43.99 -8.93 1.19
N GLY B 343 42.76 -8.52 0.86
CA GLY B 343 41.57 -8.92 1.58
C GLY B 343 41.42 -10.44 1.68
N LEU B 344 41.53 -11.10 0.54
CA LEU B 344 41.43 -12.56 0.49
C LEU B 344 42.55 -13.24 1.26
N ARG B 345 43.75 -12.69 1.19
CA ARG B 345 44.88 -13.27 1.87
C ARG B 345 44.71 -13.16 3.38
N ARG B 346 44.29 -11.97 3.83
CA ARG B 346 44.04 -11.69 5.25
C ARG B 346 42.94 -12.58 5.82
N ALA B 347 41.87 -12.77 5.06
CA ALA B 347 40.78 -13.64 5.47
C ALA B 347 41.23 -15.10 5.60
N SER B 348 42.01 -15.57 4.62
CA SER B 348 42.54 -16.94 4.66
C SER B 348 43.49 -17.14 5.81
N ALA B 349 44.39 -16.18 6.03
CA ALA B 349 45.31 -16.26 7.15
C ALA B 349 44.58 -16.28 8.51
N ALA B 350 43.55 -15.45 8.64
CA ALA B 350 42.79 -15.35 9.87
C ALA B 350 42.22 -16.72 10.23
N ILE B 351 41.77 -17.46 9.24
CA ILE B 351 41.32 -18.82 9.51
C ILE B 351 42.51 -19.72 9.79
N ASP B 352 43.50 -19.71 8.89
CA ASP B 352 44.52 -20.77 8.94
C ASP B 352 45.54 -20.65 10.07
N THR B 353 45.68 -19.46 10.64
CA THR B 353 46.50 -19.27 11.86
C THR B 353 45.78 -19.71 13.12
N GLY B 354 44.49 -20.02 13.00
CA GLY B 354 43.67 -20.34 14.16
C GLY B 354 43.01 -19.11 14.76
N ALA B 355 43.31 -17.92 14.26
CA ALA B 355 42.82 -16.68 14.90
C ALA B 355 41.28 -16.57 14.91
N ALA B 356 40.63 -16.99 13.83
CA ALA B 356 39.15 -16.93 13.77
C ALA B 356 38.48 -17.87 14.79
N GLU B 357 39.00 -19.10 14.87
CA GLU B 357 38.48 -20.06 15.84
C GLU B 357 38.75 -19.52 17.23
N GLN B 358 39.94 -19.00 17.48
CA GLN B 358 40.27 -18.41 18.77
C GLN B 358 39.42 -17.18 19.11
N LEU B 359 39.10 -16.37 18.10
CA LEU B 359 38.25 -15.20 18.35
C LEU B 359 36.84 -15.61 18.77
N LEU B 360 36.26 -16.60 18.11
CA LEU B 360 34.94 -17.02 18.51
C LEU B 360 34.96 -17.51 19.98
N ALA B 361 35.97 -18.29 20.34
CA ALA B 361 36.10 -18.78 21.72
C ALA B 361 36.23 -17.64 22.71
N ARG B 362 37.04 -16.64 22.36
CA ARG B 362 37.17 -15.45 23.20
C ARG B 362 35.83 -14.71 23.35
N TRP B 363 35.05 -14.67 22.28
CA TRP B 363 33.75 -14.03 22.29
C TRP B 363 32.76 -14.77 23.19
N VAL B 364 32.75 -16.09 23.09
CA VAL B 364 31.91 -16.93 23.99
C VAL B 364 32.35 -16.75 25.46
N ARG B 365 33.66 -16.77 25.69
CA ARG B 365 34.22 -16.53 27.01
C ARG B 365 33.79 -15.19 27.63
N PHE B 366 33.89 -14.12 26.85
CA PHE B 366 33.43 -12.81 27.31
C PHE B 366 31.97 -12.84 27.81
N GLY B 367 31.08 -13.42 27.01
CA GLY B 367 29.68 -13.51 27.39
C GLY B 367 29.48 -14.31 28.68
N ARG B 368 30.28 -15.35 28.87
CA ARG B 368 30.17 -16.19 30.08
C ARG B 368 30.70 -15.47 31.32
N GLN B 369 31.60 -14.50 31.16
CA GLN B 369 32.10 -13.69 32.28
C GLN B 369 31.11 -12.69 32.85
N ILE B 370 30.08 -12.35 32.09
CA ILE B 370 29.15 -11.30 32.50
C ILE B 370 28.45 -11.66 33.80
N LEU B 371 28.08 -12.91 33.98
CA LEU B 371 27.44 -13.36 35.21
C LEU B 371 28.27 -12.91 36.43
N GLU B 372 29.56 -13.25 36.46
CA GLU B 372 30.50 -12.72 37.47
C GLU B 372 31.24 -11.49 36.94
MG MG C . -20.91 14.52 -6.89
MG MG D . -23.31 12.13 -6.78
C1 PRP E . -21.51 10.36 -2.94
C2 PRP E . -21.15 9.93 -1.52
C3 PRP E . -21.31 11.22 -0.74
C4 PRP E . -21.16 12.32 -1.79
C5 PRP E . -19.93 13.19 -1.57
O1 PRP E . -22.93 10.40 -2.99
O2 PRP E . -22.02 8.91 -0.98
O3 PRP E . -22.60 11.32 -0.12
O4 PRP E . -21.04 11.69 -3.08
O5 PRP E . -18.81 12.31 -1.40
P PRP E . -17.45 12.90 -0.77
O1P PRP E . -17.05 13.93 -1.80
O2P PRP E . -17.84 13.48 0.57
O3P PRP E . -16.52 11.71 -0.72
PA PRP E . -24.03 10.73 -4.12
O1A PRP E . -25.06 9.83 -3.54
O2A PRP E . -23.62 10.66 -5.57
O3A PRP E . -24.63 12.11 -3.57
PB PRP E . -24.77 13.56 -4.24
O1B PRP E . -26.25 13.82 -4.08
O2B PRP E . -23.97 14.38 -3.28
O3B PRP E . -24.22 13.46 -5.66
OAB 6F0 F . -19.24 1.19 9.14
CAH 6F0 F . -19.31 2.09 8.26
OAC 6F0 F . -19.02 3.28 8.56
CAK 6F0 F . -19.72 1.77 6.94
CAJ 6F0 F . -20.28 0.51 6.63
FAD 6F0 F . -20.43 -0.47 7.54
CAG 6F0 F . -20.71 0.25 5.34
CAE 6F0 F . -20.60 1.17 4.32
CAF 6F0 F . -20.06 2.40 4.60
CAI 6F0 F . -19.64 2.70 5.89
NAA 6F0 F . -19.13 3.89 6.15
OAB 6F0 G . -19.40 5.42 1.40
CAH 6F0 G . -19.35 5.50 0.14
OAC 6F0 G . -18.25 5.76 -0.40
CAK 6F0 G . -20.51 5.25 -0.66
CAJ 6F0 G . -21.47 4.31 -0.25
FAD 6F0 G . -21.33 3.64 0.91
CAG 6F0 G . -22.61 4.05 -1.03
CAE 6F0 G . -22.79 4.70 -2.25
CAF 6F0 G . -21.82 5.63 -2.67
CAI 6F0 G . -20.71 5.90 -1.89
NAA 6F0 G . -19.79 6.79 -2.30
C1 GOL H . -25.49 15.62 -27.84
O1 GOL H . -24.85 16.88 -27.90
C2 GOL H . -24.47 14.49 -27.65
O2 GOL H . -23.35 14.91 -26.87
C3 GOL H . -25.25 13.34 -27.02
O3 GOL H . -24.49 12.13 -26.91
C1 GOL I . -9.70 -16.62 -15.48
O1 GOL I . -11.04 -16.28 -15.90
C2 GOL I . -9.11 -17.84 -16.20
O2 GOL I . -7.84 -17.51 -16.79
C3 GOL I . -8.90 -19.05 -15.30
O3 GOL I . -9.74 -20.13 -15.72
MG MG J . 23.76 -11.99 5.40
MG MG K . 22.24 -14.19 3.30
C1 PRP L . 20.04 -11.27 7.84
C2 PRP L . 18.83 -11.24 8.74
C3 PRP L . 18.72 -12.70 9.15
C4 PRP L . 19.32 -13.47 7.97
C5 PRP L . 18.27 -14.20 7.14
O1 PRP L . 21.17 -11.29 8.72
O2 PRP L . 18.97 -10.37 9.89
O3 PRP L . 19.46 -13.02 10.35
O4 PRP L . 20.02 -12.52 7.16
O5 PRP L . 17.15 -13.34 6.88
P PRP L . 15.76 -13.99 6.40
O1P PRP L . 14.85 -12.81 6.20
O2P PRP L . 15.35 -14.93 7.51
O3P PRP L . 16.16 -14.69 5.11
PA PRP L . 22.72 -11.38 8.36
O1A PRP L . 23.05 -10.95 6.95
O2A PRP L . 23.29 -10.65 9.54
O3A PRP L . 22.99 -12.92 8.71
PB PRP L . 23.68 -14.11 7.89
O1B PRP L . 22.56 -15.10 8.01
O2B PRP L . 24.86 -14.41 8.79
O3B PRP L . 24.02 -13.62 6.50
OAB 6F0 M . 10.53 -7.33 16.54
CAH 6F0 M . 10.80 -6.13 16.82
OAC 6F0 M . 10.11 -5.51 17.65
CAK 6F0 M . 11.91 -5.50 16.19
CAJ 6F0 M . 12.40 -4.29 16.67
FAD 6F0 M . 11.85 -3.65 17.76
CAG 6F0 M . 13.49 -3.68 16.04
CAE 6F0 M . 14.11 -4.24 14.93
CAF 6F0 M . 13.62 -5.44 14.43
CAI 6F0 M . 12.54 -6.05 15.06
NAA 6F0 M . 12.09 -7.20 14.60
OAB 6F0 N . 15.36 -7.00 9.00
CAH 6F0 N . 15.88 -7.01 10.15
OAC 6F0 N . 15.17 -7.37 11.14
CAK 6F0 N . 17.24 -6.64 10.32
CAJ 6F0 N . 17.63 -5.87 11.42
FAD 6F0 N . 16.73 -5.47 12.35
CAG 6F0 N . 18.97 -5.48 11.60
CAE 6F0 N . 19.93 -5.85 10.67
CAF 6F0 N . 19.56 -6.62 9.56
CAI 6F0 N . 18.23 -7.01 9.39
NAA 6F0 N . 17.89 -7.74 8.33
C1 GOL O . 24.17 14.03 6.80
O1 GOL O . 23.78 14.26 5.44
C2 GOL O . 24.15 12.54 7.00
O2 GOL O . 23.22 12.09 5.99
C3 GOL O . 23.68 12.17 8.40
O3 GOL O . 24.49 11.26 9.18
N1 IMD P . 30.47 -29.42 19.12
C2 IMD P . 30.01 -28.51 20.02
N3 IMD P . 31.03 -27.71 20.39
C4 IMD P . 32.15 -28.11 19.73
C5 IMD P . 31.79 -29.18 18.93
#